data_4K4S
#
_entry.id   4K4S
#
_cell.length_a   58.768
_cell.length_b   58.859
_cell.length_c   97.586
_cell.angle_alpha   77.880
_cell.angle_beta   77.800
_cell.angle_gamma   79.970
#
_symmetry.space_group_name_H-M   'P 1'
#
loop_
_entity.id
_entity.type
_entity.pdbx_description
1 polymer 'RNA-directed RNA polymerase 3D-POL'
2 polymer "RNA (5'-R(*AP*AP*GP*UP*CP*UP*CP*CP*AP*GP*GP*UP*CP*UP*CP*UP*CP*GP*CP*GP*AP*AP*A)-3')"
3 polymer "RNA (5'-R(*UP*GP*UP*UP*CP*GP*CP*GP*AP*GP*AP*GP*A)-3')"
4 polymer "RNA (5'-R(*GP*GP*GP*AP*GP*AP*UP*GP*A)-3')"
5 non-polymer 'ZINC ION'
6 non-polymer GLYCEROL
7 water water
#
loop_
_entity_poly.entity_id
_entity_poly.type
_entity_poly.pdbx_seq_one_letter_code
_entity_poly.pdbx_strand_id
1 'polypeptide(L)'
;GEIQWMRPSKEVGYPIINAPSKTKLEPSAFHYVFEGVKEPAVLTKNDPRLKTDFEEAIFSKYVGNKITEVDEYMKEAVDH
YAGQLMSLDINTEQMCLEDAMYGTDGLEALDLSTSAGYPYVAMGKKKRDILNKQTRDTKEMQKLLDTYGINLPLVTYVKD
ELRSKTKVEQGKSRLIEASSLNDSVAMRMAFGNLYAAFHKNPGVITGSAVGCDPDLFWSKIPVLMEEKLFAFDYTGYDAS
LSPAWFEALKMVLEKIGFGDRVDYIDYLNHSHHLYKNKTYCVKGGMPSGCSGTSIFNSMINNLIIRTLLLKTYKGIDLDH
LKMIAYGDDVIASYPHEVDASLLAQSGKDYGLTMTPADKSATFETVTWENVTFLKRFFRADEKYPFLIHPVMPMKEIHES
IRWTKDPRNTQDHVRSLCLLAWHNGEEEYNKFLAKIRSVPIGRALDLPEYSTLYRRWLDSFGSSSHHHHHH
;
A,E
2 'polyribonucleotide' AAGUCUCCAGGUCUCUCGCGAAA B,F
3 'polyribonucleotide' UGUUCGCGAGAGA C,G
4 'polyribonucleotide' GGGAGAUGA D,H
#
loop_
_chem_comp.id
_chem_comp.type
_chem_comp.name
_chem_comp.formula
A RNA linking ADENOSINE-5'-MONOPHOSPHATE 'C10 H14 N5 O7 P'
C RNA linking CYTIDINE-5'-MONOPHOSPHATE 'C9 H14 N3 O8 P'
G RNA linking GUANOSINE-5'-MONOPHOSPHATE 'C10 H14 N5 O8 P'
GOL non-polymer GLYCEROL 'C3 H8 O3'
U RNA linking URIDINE-5'-MONOPHOSPHATE 'C9 H13 N2 O9 P'
ZN non-polymer 'ZINC ION' 'Zn 2'
#
# COMPACT_ATOMS: atom_id res chain seq x y z
N GLY A 1 16.44 39.32 -29.75
CA GLY A 1 15.00 39.27 -30.03
C GLY A 1 14.49 40.65 -30.35
N GLU A 2 13.58 40.74 -31.32
CA GLU A 2 13.13 42.05 -31.82
C GLU A 2 11.74 42.05 -32.40
N ILE A 3 10.95 43.04 -32.00
CA ILE A 3 9.61 43.22 -32.55
C ILE A 3 9.76 43.69 -34.00
N GLN A 4 9.11 42.96 -34.90
CA GLN A 4 9.17 43.25 -36.34
C GLN A 4 8.12 44.30 -36.67
N TRP A 5 6.89 44.08 -36.20
CA TRP A 5 5.82 45.05 -36.32
C TRP A 5 4.82 44.87 -35.19
N MET A 6 3.94 45.85 -35.04
CA MET A 6 2.91 45.85 -34.01
C MET A 6 1.77 46.71 -34.50
N ARG A 7 0.53 46.29 -34.25
CA ARG A 7 -0.63 46.96 -34.81
C ARG A 7 -1.84 46.44 -34.09
N PRO A 8 -2.94 47.23 -34.08
CA PRO A 8 -4.11 46.87 -33.29
C PRO A 8 -4.94 45.75 -33.93
N SER A 9 -5.01 44.62 -33.23
CA SER A 9 -5.75 43.43 -33.67
C SER A 9 -6.98 43.68 -34.58
N LYS A 10 -7.63 44.85 -34.43
CA LYS A 10 -8.77 45.26 -35.26
C LYS A 10 -8.46 45.26 -36.77
N GLU A 11 -7.33 45.84 -37.14
CA GLU A 11 -6.92 45.98 -38.53
C GLU A 11 -6.72 44.63 -39.24
N VAL A 12 -6.83 43.55 -38.48
CA VAL A 12 -6.35 42.24 -38.96
C VAL A 12 -7.32 41.13 -38.58
N GLY A 13 -8.26 41.43 -37.69
CA GLY A 13 -9.31 40.50 -37.43
C GLY A 13 -9.05 39.61 -36.23
N TYR A 14 -7.91 39.79 -35.57
CA TYR A 14 -7.68 39.07 -34.32
C TYR A 14 -8.49 39.71 -33.19
N PRO A 15 -8.97 38.88 -32.25
CA PRO A 15 -9.85 39.46 -31.23
C PRO A 15 -9.02 40.11 -30.14
N ILE A 16 -9.65 41.01 -29.39
CA ILE A 16 -9.05 41.63 -28.22
C ILE A 16 -9.05 40.57 -27.09
N ILE A 17 -8.05 40.59 -26.24
CA ILE A 17 -8.05 39.68 -25.09
C ILE A 17 -7.98 40.51 -23.82
N ASN A 18 -8.88 40.30 -22.87
CA ASN A 18 -8.76 41.01 -21.58
C ASN A 18 -8.23 40.11 -20.51
N ALA A 19 -7.13 40.50 -19.91
CA ALA A 19 -6.72 39.91 -18.65
C ALA A 19 -7.46 40.66 -17.56
N PRO A 20 -7.72 39.99 -16.43
CA PRO A 20 -8.07 40.76 -15.23
C PRO A 20 -7.04 41.90 -15.03
N SER A 21 -7.53 43.05 -14.57
CA SER A 21 -6.69 44.23 -14.47
C SER A 21 -6.14 44.43 -13.07
N LYS A 22 -6.67 43.66 -12.13
CA LYS A 22 -6.26 43.75 -10.75
C LYS A 22 -5.58 42.47 -10.35
N THR A 23 -4.67 42.60 -9.40
CA THR A 23 -3.89 41.48 -8.90
C THR A 23 -4.74 40.60 -7.97
N LYS A 24 -4.46 39.30 -7.98
CA LYS A 24 -5.18 38.40 -7.07
C LYS A 24 -4.39 38.35 -5.76
N LEU A 25 -3.30 39.09 -5.71
CA LEU A 25 -2.45 39.12 -4.52
C LEU A 25 -2.98 40.11 -3.50
N GLU A 26 -3.26 39.62 -2.29
CA GLU A 26 -3.68 40.48 -1.17
C GLU A 26 -2.84 40.18 0.06
N PRO A 27 -2.64 41.19 0.94
CA PRO A 27 -1.90 40.99 2.19
C PRO A 27 -2.53 39.89 3.03
N SER A 28 -1.67 39.01 3.54
CA SER A 28 -2.09 37.84 4.30
C SER A 28 -2.16 38.18 5.77
N ALA A 29 -2.65 37.24 6.57
CA ALA A 29 -2.62 37.36 8.02
C ALA A 29 -1.25 37.72 8.60
N PHE A 30 -0.17 37.36 7.90
CA PHE A 30 1.18 37.52 8.45
C PHE A 30 1.86 38.74 7.86
N HIS A 31 1.09 39.58 7.17
CA HIS A 31 1.65 40.77 6.49
C HIS A 31 2.56 41.66 7.38
N TYR A 32 2.18 41.86 8.64
CA TYR A 32 2.91 42.78 9.52
C TYR A 32 3.86 42.11 10.48
N VAL A 33 3.80 40.79 10.55
CA VAL A 33 4.73 40.04 11.37
C VAL A 33 6.14 40.04 10.76
N PHE A 34 6.23 39.96 9.45
CA PHE A 34 7.53 39.92 8.79
C PHE A 34 7.85 41.17 7.97
N GLU A 35 9.11 41.58 7.94
CA GLU A 35 9.52 42.66 7.06
C GLU A 35 9.61 42.11 5.62
N GLY A 36 9.60 42.99 4.63
CA GLY A 36 9.68 42.58 3.24
C GLY A 36 9.39 43.76 2.33
N VAL A 37 10.01 43.79 1.14
CA VAL A 37 9.97 44.99 0.32
C VAL A 37 9.29 44.81 -1.04
N LYS A 38 8.79 43.63 -1.31
CA LYS A 38 8.18 43.39 -2.62
C LYS A 38 6.67 43.56 -2.56
N GLU A 39 6.10 44.04 -3.66
CA GLU A 39 4.65 44.20 -3.82
C GLU A 39 4.17 43.60 -5.16
N PRO A 40 2.84 43.51 -5.36
CA PRO A 40 2.28 43.09 -6.66
C PRO A 40 2.83 43.84 -7.87
N ALA A 41 3.08 43.09 -8.95
CA ALA A 41 3.63 43.66 -10.17
C ALA A 41 2.64 44.61 -10.80
N VAL A 42 3.16 45.59 -11.54
CA VAL A 42 2.30 46.43 -12.35
C VAL A 42 1.65 45.59 -13.46
N LEU A 43 0.32 45.65 -13.52
CA LEU A 43 -0.46 44.83 -14.43
C LEU A 43 -1.06 45.68 -15.56
N THR A 44 -1.43 46.93 -15.27
CA THR A 44 -1.95 47.83 -16.30
C THR A 44 -1.19 49.14 -16.35
N LYS A 45 -1.65 50.06 -17.18
CA LYS A 45 -0.86 51.23 -17.52
C LYS A 45 -1.38 52.47 -16.79
N ASN A 46 -2.53 52.33 -16.14
CA ASN A 46 -3.11 53.41 -15.34
C ASN A 46 -2.54 53.46 -13.94
N ASP A 47 -1.94 52.35 -13.53
CA ASP A 47 -1.38 52.18 -12.19
C ASP A 47 -0.61 53.41 -11.75
N PRO A 48 -0.98 53.95 -10.58
CA PRO A 48 -0.38 55.13 -9.95
C PRO A 48 1.13 55.01 -9.71
N ARG A 49 1.59 53.83 -9.29
CA ARG A 49 2.98 53.63 -8.87
C ARG A 49 3.97 53.71 -10.03
N LEU A 50 3.45 53.76 -11.25
CA LEU A 50 4.30 53.89 -12.42
C LEU A 50 5.00 55.26 -12.45
N LYS A 51 6.31 55.22 -12.70
CA LYS A 51 7.13 56.42 -12.84
C LYS A 51 7.72 56.46 -14.27
N THR A 52 7.18 55.60 -15.14
CA THR A 52 7.55 55.58 -16.57
C THR A 52 6.45 54.94 -17.43
N ASP A 53 6.67 54.86 -18.74
CA ASP A 53 5.67 54.31 -19.65
C ASP A 53 5.69 52.78 -19.61
N PHE A 54 4.53 52.20 -19.35
CA PHE A 54 4.42 50.76 -19.12
C PHE A 54 4.86 49.95 -20.34
N GLU A 55 4.13 50.09 -21.45
CA GLU A 55 4.37 49.26 -22.63
C GLU A 55 5.79 49.41 -23.15
N GLU A 56 6.30 50.64 -23.09
CA GLU A 56 7.70 50.91 -23.37
C GLU A 56 8.60 50.02 -22.51
N ALA A 57 8.28 49.93 -21.22
CA ALA A 57 9.14 49.19 -20.29
C ALA A 57 9.07 47.69 -20.52
N ILE A 58 7.86 47.15 -20.71
CA ILE A 58 7.70 45.70 -20.80
C ILE A 58 8.23 45.15 -22.11
N PHE A 59 8.24 45.95 -23.16
CA PHE A 59 8.72 45.43 -24.44
C PHE A 59 10.18 45.79 -24.67
N SER A 60 10.74 46.60 -23.77
CA SER A 60 12.14 46.99 -23.81
C SER A 60 13.14 45.81 -23.85
N LYS A 61 12.72 44.62 -23.40
CA LYS A 61 13.61 43.45 -23.35
C LYS A 61 13.98 42.97 -24.74
N TYR A 62 13.23 43.41 -25.75
CA TYR A 62 13.51 42.99 -27.11
C TYR A 62 14.62 43.90 -27.69
N VAL A 63 15.82 43.67 -27.18
CA VAL A 63 16.96 44.54 -27.42
C VAL A 63 17.52 44.47 -28.85
N GLY A 64 16.99 43.57 -29.67
CA GLY A 64 17.49 43.42 -31.03
C GLY A 64 18.19 42.10 -31.26
N ASN A 65 18.56 41.86 -32.51
CA ASN A 65 19.25 40.62 -32.83
C ASN A 65 20.69 40.92 -33.25
N LYS A 66 21.65 40.42 -32.48
CA LYS A 66 23.06 40.77 -32.72
C LYS A 66 23.64 39.99 -33.92
N ILE A 67 23.60 38.67 -33.85
CA ILE A 67 24.14 37.86 -34.91
C ILE A 67 23.03 37.17 -35.70
N THR A 68 23.39 36.64 -36.87
CA THR A 68 22.43 35.90 -37.69
C THR A 68 23.08 34.61 -38.18
N GLU A 69 24.38 34.50 -37.97
CA GLU A 69 25.16 33.39 -38.49
C GLU A 69 25.75 32.45 -37.43
N VAL A 70 25.75 31.17 -37.75
CA VAL A 70 26.43 30.17 -36.95
C VAL A 70 27.92 30.19 -37.28
N ASP A 71 28.74 30.73 -36.38
CA ASP A 71 30.17 30.69 -36.59
C ASP A 71 30.79 29.37 -36.16
N GLU A 72 32.11 29.30 -36.34
CA GLU A 72 32.82 28.07 -36.12
C GLU A 72 32.83 27.66 -34.66
N TYR A 73 32.87 28.64 -33.77
CA TYR A 73 32.82 28.36 -32.35
C TYR A 73 31.48 27.71 -31.97
N MET A 74 30.37 28.31 -32.44
CA MET A 74 29.06 27.72 -32.21
C MET A 74 29.02 26.29 -32.75
N LYS A 75 29.48 26.09 -33.99
CA LYS A 75 29.51 24.77 -34.62
C LYS A 75 30.26 23.72 -33.80
N GLU A 76 31.31 24.16 -33.12
CA GLU A 76 32.11 23.25 -32.32
C GLU A 76 31.40 22.95 -30.99
N ALA A 77 30.87 24.00 -30.37
CA ALA A 77 29.90 23.88 -29.27
C ALA A 77 28.84 22.82 -29.57
N VAL A 78 28.15 23.02 -30.69
CA VAL A 78 27.15 22.08 -31.17
C VAL A 78 27.67 20.66 -31.17
N ASP A 79 28.82 20.45 -31.80
CA ASP A 79 29.34 19.10 -31.95
C ASP A 79 29.59 18.49 -30.59
N HIS A 80 30.29 19.22 -29.73
CA HIS A 80 30.55 18.74 -28.37
C HIS A 80 29.28 18.46 -27.57
N TYR A 81 28.31 19.40 -27.59
CA TYR A 81 27.09 19.16 -26.82
C TYR A 81 26.31 17.97 -27.39
N ALA A 82 26.14 17.94 -28.73
CA ALA A 82 25.51 16.79 -29.38
C ALA A 82 26.17 15.46 -29.00
N GLY A 83 27.49 15.38 -29.18
CA GLY A 83 28.22 14.18 -28.81
C GLY A 83 27.94 13.73 -27.38
N GLN A 84 27.90 14.68 -26.43
CA GLN A 84 27.51 14.35 -25.04
C GLN A 84 26.13 13.66 -24.97
N LEU A 85 25.11 14.30 -25.54
CA LEU A 85 23.74 13.77 -25.50
C LEU A 85 23.58 12.43 -26.21
N MET A 86 24.41 12.16 -27.22
CA MET A 86 24.25 10.91 -27.96
C MET A 86 24.50 9.69 -27.08
N SER A 87 25.24 9.89 -25.99
CA SER A 87 25.51 8.82 -25.03
C SER A 87 24.29 8.42 -24.19
N LEU A 88 23.28 9.29 -24.12
CA LEU A 88 22.04 8.97 -23.42
C LEU A 88 21.16 8.00 -24.21
N ASP A 89 21.41 7.86 -25.51
CA ASP A 89 20.63 6.95 -26.35
C ASP A 89 19.16 7.34 -26.26
N ILE A 90 18.87 8.57 -26.63
CA ILE A 90 17.54 9.12 -26.47
C ILE A 90 16.59 8.55 -27.52
N ASN A 91 15.42 8.08 -27.08
CA ASN A 91 14.42 7.61 -28.00
C ASN A 91 14.00 8.76 -28.90
N THR A 92 14.04 8.54 -30.20
CA THR A 92 13.84 9.62 -31.15
C THR A 92 12.52 9.48 -31.87
N GLU A 93 11.80 8.40 -31.58
CA GLU A 93 10.48 8.22 -32.18
C GLU A 93 9.53 9.33 -31.73
N GLN A 94 8.49 9.58 -32.53
CA GLN A 94 7.41 10.45 -32.07
C GLN A 94 6.80 9.89 -30.79
N MET A 95 6.34 10.77 -29.91
CA MET A 95 5.56 10.31 -28.77
C MET A 95 4.12 10.24 -29.28
N CYS A 96 3.38 9.20 -28.90
CA CYS A 96 1.98 9.06 -29.41
C CYS A 96 1.06 10.09 -28.79
N LEU A 97 0.02 10.46 -29.51
CA LEU A 97 -0.89 11.52 -29.05
C LEU A 97 -1.35 11.34 -27.58
N GLU A 98 -1.75 10.11 -27.24
CA GLU A 98 -2.24 9.84 -25.91
C GLU A 98 -1.15 10.09 -24.88
N ASP A 99 0.07 9.65 -25.15
CA ASP A 99 1.16 9.91 -24.20
C ASP A 99 1.49 11.42 -24.15
N ALA A 100 1.32 12.10 -25.29
CA ALA A 100 1.65 13.51 -25.38
C ALA A 100 0.70 14.33 -24.52
N MET A 101 -0.58 13.95 -24.55
CA MET A 101 -1.62 14.66 -23.82
C MET A 101 -1.62 14.34 -22.35
N TYR A 102 -1.40 13.07 -22.02
CA TYR A 102 -1.77 12.60 -20.69
C TYR A 102 -0.57 12.13 -19.90
N GLY A 103 0.61 12.35 -20.47
CA GLY A 103 1.83 12.06 -19.75
C GLY A 103 2.25 10.60 -19.74
N THR A 104 3.50 10.35 -19.35
CA THR A 104 4.10 9.02 -19.32
C THR A 104 5.33 9.09 -18.44
N ASP A 105 6.08 7.99 -18.34
CA ASP A 105 7.32 7.98 -17.56
C ASP A 105 8.21 9.16 -17.96
N GLY A 106 8.47 10.07 -17.00
CA GLY A 106 9.29 11.24 -17.26
C GLY A 106 8.63 12.52 -17.77
N LEU A 107 7.37 12.45 -18.17
CA LEU A 107 6.69 13.66 -18.66
C LEU A 107 5.26 13.75 -18.16
N GLU A 108 4.98 14.70 -17.29
CA GLU A 108 3.62 14.84 -16.76
C GLU A 108 2.61 15.25 -17.83
N ALA A 109 1.34 15.13 -17.47
CA ALA A 109 0.26 15.47 -18.37
C ALA A 109 0.22 16.95 -18.64
N LEU A 110 -0.44 17.35 -19.72
CA LEU A 110 -0.91 18.74 -19.86
C LEU A 110 -1.68 19.20 -18.60
N ASP A 111 -1.59 20.50 -18.30
CA ASP A 111 -2.24 21.08 -17.12
C ASP A 111 -3.62 21.58 -17.49
N LEU A 112 -4.65 20.89 -16.99
CA LEU A 112 -6.04 21.28 -17.32
C LEU A 112 -6.51 22.39 -16.41
N SER A 113 -5.58 22.89 -15.61
CA SER A 113 -5.91 23.96 -14.71
C SER A 113 -5.38 25.27 -15.27
N THR A 114 -5.12 25.31 -16.58
CA THR A 114 -4.60 26.52 -17.16
C THR A 114 -5.26 26.74 -18.50
N SER A 115 -5.13 27.95 -19.02
CA SER A 115 -5.71 28.33 -20.30
C SER A 115 -5.32 27.41 -21.47
N ALA A 116 -6.20 27.38 -22.45
CA ALA A 116 -6.01 26.59 -23.65
C ALA A 116 -5.40 27.46 -24.73
N GLY A 117 -5.29 28.75 -24.45
CA GLY A 117 -4.70 29.66 -25.39
C GLY A 117 -5.59 29.87 -26.61
N TYR A 118 -5.01 30.49 -27.61
CA TYR A 118 -5.70 30.78 -28.86
C TYR A 118 -5.95 29.51 -29.67
N PRO A 119 -7.14 29.38 -30.27
CA PRO A 119 -8.24 30.35 -30.27
C PRO A 119 -9.29 30.00 -29.24
N TYR A 120 -9.08 28.93 -28.47
CA TYR A 120 -10.05 28.50 -27.48
C TYR A 120 -10.40 29.62 -26.49
N VAL A 121 -9.44 30.49 -26.22
CA VAL A 121 -9.64 31.55 -25.24
C VAL A 121 -10.70 32.52 -25.74
N ALA A 122 -10.83 32.63 -27.06
CA ALA A 122 -11.78 33.54 -27.68
C ALA A 122 -13.19 32.93 -27.86
N MET A 123 -13.43 31.77 -27.27
CA MET A 123 -14.72 31.09 -27.36
C MET A 123 -15.11 30.51 -26.01
N GLY A 124 -14.45 30.99 -24.95
CA GLY A 124 -14.65 30.43 -23.62
C GLY A 124 -14.46 28.92 -23.59
N LYS A 125 -13.55 28.41 -24.43
CA LYS A 125 -13.28 26.99 -24.39
C LYS A 125 -12.07 26.75 -23.50
N LYS A 126 -12.20 25.77 -22.60
CA LYS A 126 -11.11 25.45 -21.69
C LYS A 126 -10.55 24.08 -22.06
N LYS A 127 -9.38 23.73 -21.50
CA LYS A 127 -8.78 22.40 -21.71
C LYS A 127 -9.71 21.30 -21.19
N ARG A 128 -10.40 21.57 -20.07
CA ARG A 128 -11.29 20.57 -19.49
C ARG A 128 -12.43 20.16 -20.42
N ASP A 129 -12.71 20.98 -21.44
CA ASP A 129 -13.74 20.67 -22.44
C ASP A 129 -13.21 19.80 -23.55
N ILE A 130 -11.94 19.43 -23.47
CA ILE A 130 -11.31 18.69 -24.55
C ILE A 130 -10.59 17.48 -23.99
N LEU A 131 -9.95 17.63 -22.84
CA LEU A 131 -9.20 16.50 -22.29
C LEU A 131 -9.89 15.90 -21.10
N ASN A 132 -9.70 14.60 -20.91
CA ASN A 132 -10.21 13.89 -19.78
C ASN A 132 -9.19 12.85 -19.31
N LYS A 133 -8.57 13.10 -18.17
CA LYS A 133 -7.48 12.27 -17.67
C LYS A 133 -7.95 10.91 -17.18
N GLN A 134 -9.23 10.75 -16.91
CA GLN A 134 -9.69 9.46 -16.39
C GLN A 134 -9.83 8.43 -17.49
N THR A 135 -10.12 8.90 -18.71
CA THR A 135 -10.31 8.02 -19.87
C THR A 135 -9.16 8.06 -20.85
N ARG A 136 -8.28 9.04 -20.70
CA ARG A 136 -7.19 9.30 -21.64
C ARG A 136 -7.71 9.32 -23.07
N ASP A 137 -8.86 9.96 -23.25
CA ASP A 137 -9.51 10.05 -24.56
C ASP A 137 -8.78 11.07 -25.44
N THR A 138 -8.49 10.70 -26.68
CA THR A 138 -7.73 11.55 -27.59
C THR A 138 -8.56 12.03 -28.78
N LYS A 139 -9.80 11.55 -28.86
CA LYS A 139 -10.63 11.70 -30.05
C LYS A 139 -10.94 13.16 -30.40
N GLU A 140 -11.24 13.96 -29.39
CA GLU A 140 -11.65 15.34 -29.65
C GLU A 140 -10.40 16.19 -29.90
N MET A 141 -9.32 15.88 -29.19
CA MET A 141 -8.05 16.55 -29.46
C MET A 141 -7.55 16.28 -30.86
N GLN A 142 -7.68 15.05 -31.33
CA GLN A 142 -7.20 14.76 -32.66
C GLN A 142 -8.00 15.60 -33.66
N LYS A 143 -9.31 15.66 -33.50
CA LYS A 143 -10.16 16.48 -34.35
C LYS A 143 -9.80 17.96 -34.27
N LEU A 144 -9.66 18.48 -33.05
CA LEU A 144 -9.28 19.89 -32.89
C LEU A 144 -7.87 20.18 -33.47
N LEU A 145 -6.99 19.17 -33.47
CA LEU A 145 -5.69 19.26 -34.15
C LEU A 145 -5.76 19.41 -35.65
N ASP A 146 -6.58 18.56 -36.25
CA ASP A 146 -6.83 18.65 -37.68
C ASP A 146 -7.45 19.98 -38.06
N THR A 147 -8.37 20.47 -37.22
CA THR A 147 -9.11 21.69 -37.57
C THR A 147 -8.23 22.94 -37.61
N TYR A 148 -7.61 23.28 -36.49
CA TYR A 148 -6.89 24.54 -36.42
C TYR A 148 -5.42 24.40 -36.82
N GLY A 149 -4.93 23.16 -36.84
CA GLY A 149 -3.55 22.91 -37.19
C GLY A 149 -2.62 23.46 -36.13
N ILE A 150 -1.38 23.76 -36.52
CA ILE A 150 -0.39 24.22 -35.56
C ILE A 150 0.21 25.56 -35.98
N ASN A 151 1.25 25.98 -35.25
CA ASN A 151 1.87 27.30 -35.40
C ASN A 151 0.87 28.44 -35.26
N LEU A 152 0.09 28.40 -34.18
CA LEU A 152 -0.86 29.47 -33.85
C LEU A 152 -0.19 30.61 -33.07
N PRO A 153 -0.82 31.80 -33.05
CA PRO A 153 -0.24 32.88 -32.26
C PRO A 153 -0.33 32.66 -30.74
N LEU A 154 0.61 33.28 -30.02
CA LEU A 154 0.73 33.18 -28.57
C LEU A 154 -0.02 34.34 -27.90
N VAL A 155 -0.74 34.07 -26.82
CA VAL A 155 -1.39 35.20 -26.11
C VAL A 155 -0.48 35.73 -25.02
N THR A 156 -0.14 37.02 -25.12
CA THR A 156 0.75 37.64 -24.13
C THR A 156 0.01 38.13 -22.87
N TYR A 157 0.44 37.67 -21.70
CA TYR A 157 -0.13 38.13 -20.45
C TYR A 157 0.96 38.76 -19.59
N VAL A 158 0.56 39.53 -18.59
CA VAL A 158 1.50 40.01 -17.59
C VAL A 158 1.44 39.11 -16.37
N LYS A 159 2.58 38.62 -15.93
CA LYS A 159 2.61 37.70 -14.80
C LYS A 159 2.18 38.39 -13.52
N ASP A 160 1.24 37.80 -12.80
CA ASP A 160 0.75 38.38 -11.57
C ASP A 160 1.60 37.89 -10.39
N GLU A 161 2.67 38.62 -10.08
CA GLU A 161 3.64 38.18 -9.08
C GLU A 161 4.24 39.31 -8.21
N LEU A 162 4.87 38.94 -7.10
CA LEU A 162 5.59 39.94 -6.32
C LEU A 162 6.79 40.43 -7.11
N ARG A 163 7.20 41.66 -6.82
CA ARG A 163 8.20 42.34 -7.61
C ARG A 163 8.88 43.42 -6.77
N SER A 164 10.19 43.59 -6.97
CA SER A 164 10.93 44.61 -6.27
C SER A 164 10.33 46.00 -6.50
N LYS A 165 10.32 46.81 -5.44
CA LYS A 165 9.86 48.20 -5.47
C LYS A 165 10.38 48.95 -6.70
N THR A 166 11.69 48.86 -6.92
CA THR A 166 12.36 49.44 -8.07
C THR A 166 11.69 48.93 -9.35
N LYS A 167 11.49 47.61 -9.43
CA LYS A 167 10.92 47.02 -10.63
C LYS A 167 9.47 47.46 -10.83
N VAL A 168 8.75 47.60 -9.73
CA VAL A 168 7.38 48.09 -9.82
C VAL A 168 7.35 49.48 -10.47
N GLU A 169 8.05 50.43 -9.87
CA GLU A 169 8.01 51.80 -10.38
C GLU A 169 8.56 51.91 -11.79
N GLN A 170 9.65 51.22 -12.05
CA GLN A 170 10.27 51.25 -13.36
C GLN A 170 9.49 50.41 -14.37
N GLY A 171 8.49 49.69 -13.88
CA GLY A 171 7.48 49.07 -14.74
C GLY A 171 7.97 47.78 -15.35
N LYS A 172 9.09 47.30 -14.83
CA LYS A 172 9.71 46.07 -15.32
C LYS A 172 8.89 44.85 -14.91
N SER A 173 7.73 44.68 -15.54
CA SER A 173 6.89 43.53 -15.25
C SER A 173 7.21 42.44 -16.25
N ARG A 174 7.01 41.19 -15.87
CA ARG A 174 7.39 40.08 -16.72
C ARG A 174 6.23 39.54 -17.57
N LEU A 175 6.54 39.14 -18.79
CA LEU A 175 5.50 38.68 -19.71
C LEU A 175 5.47 37.18 -19.91
N ILE A 176 4.25 36.69 -20.03
CA ILE A 176 3.92 35.30 -20.24
C ILE A 176 3.37 35.16 -21.68
N GLU A 177 3.79 34.14 -22.40
CA GLU A 177 3.20 33.82 -23.69
C GLU A 177 2.37 32.57 -23.51
N ALA A 178 1.07 32.68 -23.67
CA ALA A 178 0.23 31.52 -23.50
C ALA A 178 0.26 30.71 -24.78
N SER A 179 0.75 29.49 -24.66
CA SER A 179 0.87 28.62 -25.80
C SER A 179 -0.49 27.98 -26.08
N SER A 180 -0.78 27.81 -27.36
CA SER A 180 -2.02 27.20 -27.77
C SER A 180 -1.98 25.71 -27.42
N LEU A 181 -3.13 25.19 -26.98
CA LEU A 181 -3.24 23.76 -26.69
C LEU A 181 -2.74 22.92 -27.85
N ASN A 182 -3.06 23.33 -29.07
CA ASN A 182 -2.62 22.64 -30.28
C ASN A 182 -1.11 22.51 -30.40
N ASP A 183 -0.45 23.65 -30.24
CA ASP A 183 0.99 23.70 -30.31
C ASP A 183 1.64 22.96 -29.16
N SER A 184 1.08 23.04 -27.96
CA SER A 184 1.63 22.26 -26.86
C SER A 184 1.61 20.78 -27.21
N VAL A 185 0.53 20.35 -27.84
CA VAL A 185 0.33 18.94 -28.13
C VAL A 185 1.29 18.48 -29.24
N ALA A 186 1.33 19.25 -30.33
CA ALA A 186 2.25 18.96 -31.43
C ALA A 186 3.72 18.96 -31.00
N MET A 187 4.06 19.84 -30.08
CA MET A 187 5.42 19.89 -29.58
C MET A 187 5.74 18.63 -28.81
N ARG A 188 4.78 18.17 -28.04
CA ARG A 188 5.04 17.03 -27.16
C ARG A 188 5.07 15.74 -27.98
N MET A 189 4.39 15.74 -29.13
CA MET A 189 4.43 14.56 -29.97
C MET A 189 5.82 14.47 -30.58
N ALA A 190 6.31 15.62 -31.02
CA ALA A 190 7.63 15.73 -31.62
C ALA A 190 8.77 15.52 -30.62
N PHE A 191 8.66 16.11 -29.43
CA PHE A 191 9.81 16.14 -28.51
C PHE A 191 9.60 15.51 -27.15
N GLY A 192 8.43 14.91 -26.91
CA GLY A 192 8.16 14.33 -25.61
C GLY A 192 9.24 13.37 -25.13
N ASN A 193 9.75 12.54 -26.05
CA ASN A 193 10.79 11.57 -25.70
C ASN A 193 12.08 12.30 -25.34
N LEU A 194 12.35 13.40 -26.04
CA LEU A 194 13.47 14.24 -25.62
C LEU A 194 13.19 14.78 -24.20
N TYR A 195 12.01 15.41 -23.97
CA TYR A 195 11.68 15.91 -22.62
C TYR A 195 11.87 14.82 -21.58
N ALA A 196 11.35 13.63 -21.89
CA ALA A 196 11.39 12.52 -20.94
C ALA A 196 12.84 12.23 -20.55
N ALA A 197 13.68 12.02 -21.56
CA ALA A 197 15.09 11.71 -21.36
C ALA A 197 15.79 12.73 -20.47
N PHE A 198 15.54 14.02 -20.73
CA PHE A 198 16.11 15.05 -19.89
C PHE A 198 15.55 14.99 -18.46
N HIS A 199 14.24 14.77 -18.31
CA HIS A 199 13.70 14.81 -16.96
C HIS A 199 14.28 13.67 -16.13
N LYS A 200 14.58 12.55 -16.78
CA LYS A 200 15.12 11.41 -16.06
C LYS A 200 16.60 11.58 -15.81
N ASN A 201 17.25 12.49 -16.54
CA ASN A 201 18.69 12.61 -16.37
C ASN A 201 19.23 13.97 -15.99
N PRO A 202 18.83 14.47 -14.81
CA PRO A 202 19.38 15.73 -14.33
C PRO A 202 20.85 15.51 -14.07
N GLY A 203 21.73 16.42 -14.50
CA GLY A 203 23.16 16.27 -14.27
C GLY A 203 24.08 16.90 -15.31
N VAL A 204 25.30 16.38 -15.45
CA VAL A 204 26.34 17.05 -16.26
C VAL A 204 26.39 16.55 -17.70
N ILE A 205 25.70 15.44 -17.95
CA ILE A 205 25.53 14.95 -19.31
C ILE A 205 24.44 15.77 -20.05
N THR A 206 23.23 15.85 -19.48
CA THR A 206 22.20 16.71 -20.08
C THR A 206 22.65 18.17 -20.00
N GLY A 207 23.41 18.46 -18.94
CA GLY A 207 23.79 19.81 -18.63
C GLY A 207 22.58 20.57 -18.08
N SER A 208 21.60 19.81 -17.58
CA SER A 208 20.33 20.32 -17.07
C SER A 208 19.89 19.78 -15.70
N ALA A 209 19.16 20.60 -14.95
CA ALA A 209 18.65 20.22 -13.62
C ALA A 209 17.12 20.04 -13.61
N VAL A 210 16.50 20.16 -14.78
CA VAL A 210 15.08 19.94 -14.94
C VAL A 210 14.80 18.49 -14.58
N GLY A 211 13.98 18.27 -13.56
CA GLY A 211 13.61 16.92 -13.16
C GLY A 211 14.22 16.52 -11.82
N CYS A 212 15.07 17.38 -11.26
CA CYS A 212 15.71 17.11 -9.96
C CYS A 212 14.90 17.52 -8.72
N ASP A 213 15.18 16.87 -7.60
CA ASP A 213 14.71 17.36 -6.31
C ASP A 213 15.87 17.94 -5.52
N PRO A 214 15.86 19.27 -5.35
CA PRO A 214 16.94 19.96 -4.65
C PRO A 214 17.28 19.36 -3.28
N ASP A 215 16.27 18.93 -2.55
CA ASP A 215 16.50 18.21 -1.28
C ASP A 215 17.56 17.11 -1.40
N LEU A 216 17.50 16.35 -2.51
CA LEU A 216 18.38 15.21 -2.69
C LEU A 216 19.53 15.55 -3.62
N PHE A 217 19.22 16.32 -4.65
CA PHE A 217 20.15 16.60 -5.72
C PHE A 217 21.32 17.44 -5.23
N TRP A 218 21.07 18.38 -4.32
CA TRP A 218 22.16 19.20 -3.81
C TRP A 218 23.39 18.39 -3.29
N SER A 219 23.21 17.11 -2.97
CA SER A 219 24.34 16.35 -2.43
C SER A 219 25.15 15.66 -3.54
N LYS A 220 24.54 15.53 -4.71
CA LYS A 220 25.18 15.03 -5.92
C LYS A 220 26.02 16.12 -6.60
N ILE A 221 25.54 17.35 -6.59
CA ILE A 221 26.16 18.40 -7.41
C ILE A 221 27.69 18.58 -7.16
N PRO A 222 28.15 18.57 -5.89
CA PRO A 222 29.59 18.83 -5.71
C PRO A 222 30.50 17.70 -6.17
N VAL A 223 29.96 16.50 -6.28
CA VAL A 223 30.67 15.36 -6.85
C VAL A 223 30.80 15.52 -8.35
N LEU A 224 29.74 16.05 -8.97
CA LEU A 224 29.68 16.21 -10.42
C LEU A 224 30.59 17.33 -10.91
N MET A 225 30.89 18.30 -10.06
CA MET A 225 31.57 19.50 -10.55
C MET A 225 33.08 19.28 -10.66
N GLU A 226 33.75 20.27 -11.25
CA GLU A 226 35.21 20.31 -11.30
C GLU A 226 35.73 21.13 -10.15
N GLU A 227 37.05 21.27 -10.06
CA GLU A 227 37.65 21.94 -8.91
C GLU A 227 37.24 23.42 -8.82
N LYS A 228 37.19 24.11 -9.95
CA LYS A 228 36.99 25.55 -9.95
C LYS A 228 35.65 25.91 -10.57
N LEU A 229 34.84 26.63 -9.82
CA LEU A 229 33.48 26.94 -10.23
C LEU A 229 33.45 28.31 -10.88
N PHE A 230 32.57 28.47 -11.86
CA PHE A 230 32.27 29.81 -12.36
C PHE A 230 30.77 29.94 -12.65
N ALA A 231 30.29 31.18 -12.57
CA ALA A 231 28.87 31.45 -12.70
C ALA A 231 28.71 32.90 -13.06
N PHE A 232 27.50 33.29 -13.43
CA PHE A 232 27.18 34.68 -13.76
C PHE A 232 25.68 34.79 -13.98
N ASP A 233 25.19 36.02 -14.06
CA ASP A 233 23.79 36.30 -14.35
C ASP A 233 23.63 36.74 -15.81
N TYR A 234 22.45 36.51 -16.38
CA TYR A 234 22.08 37.06 -17.69
C TYR A 234 21.07 38.19 -17.51
N THR A 235 21.12 39.19 -18.39
CA THR A 235 20.09 40.22 -18.42
C THR A 235 19.12 39.96 -19.60
N GLY A 236 17.87 39.66 -19.29
CA GLY A 236 16.90 39.33 -20.30
C GLY A 236 17.38 38.24 -21.23
N TYR A 237 17.78 37.12 -20.63
CA TYR A 237 18.24 35.95 -21.37
C TYR A 237 17.36 35.61 -22.58
N ASP A 238 16.09 35.28 -22.33
CA ASP A 238 15.20 34.75 -23.35
C ASP A 238 15.02 35.67 -24.55
N ALA A 239 14.70 36.93 -24.26
CA ALA A 239 14.48 37.88 -25.33
C ALA A 239 15.79 38.26 -26.02
N SER A 240 16.92 38.21 -25.32
CA SER A 240 18.18 38.57 -25.99
C SER A 240 18.68 37.53 -27.01
N LEU A 241 18.17 36.30 -26.95
CA LEU A 241 18.61 35.22 -27.87
C LEU A 241 18.37 35.49 -29.35
N SER A 242 19.43 35.48 -30.15
CA SER A 242 19.33 35.74 -31.59
C SER A 242 18.95 34.48 -32.37
N PRO A 243 18.38 34.66 -33.59
CA PRO A 243 18.07 33.51 -34.46
C PRO A 243 19.22 32.49 -34.67
N ALA A 244 20.48 32.92 -34.75
CA ALA A 244 21.59 31.96 -34.88
C ALA A 244 21.53 30.91 -33.79
N TRP A 245 21.23 31.34 -32.56
CA TRP A 245 21.11 30.39 -31.47
C TRP A 245 20.02 29.36 -31.78
N PHE A 246 18.93 29.80 -32.38
CA PHE A 246 17.91 28.85 -32.81
C PHE A 246 18.46 27.91 -33.91
N GLU A 247 19.25 28.43 -34.84
CA GLU A 247 19.86 27.53 -35.84
C GLU A 247 20.77 26.49 -35.20
N ALA A 248 21.58 26.87 -34.22
CA ALA A 248 22.50 25.91 -33.60
C ALA A 248 21.75 24.82 -32.85
N LEU A 249 20.63 25.20 -32.24
CA LEU A 249 19.80 24.25 -31.50
C LEU A 249 19.24 23.22 -32.46
N LYS A 250 18.74 23.68 -33.61
CA LYS A 250 18.31 22.77 -34.69
C LYS A 250 19.41 21.77 -35.05
N MET A 251 20.63 22.28 -35.22
CA MET A 251 21.75 21.46 -35.58
C MET A 251 21.95 20.34 -34.58
N VAL A 252 21.86 20.69 -33.29
CA VAL A 252 21.99 19.68 -32.24
C VAL A 252 20.89 18.63 -32.37
N LEU A 253 19.66 19.09 -32.57
CA LEU A 253 18.54 18.19 -32.72
C LEU A 253 18.66 17.31 -33.97
N GLU A 254 19.16 17.87 -35.08
CA GLU A 254 19.41 17.06 -36.28
C GLU A 254 20.41 15.98 -35.93
N LYS A 255 21.42 16.37 -35.17
CA LYS A 255 22.53 15.48 -34.82
C LYS A 255 22.06 14.34 -33.96
N ILE A 256 21.17 14.61 -33.02
CA ILE A 256 20.75 13.53 -32.15
C ILE A 256 19.52 12.80 -32.67
N GLY A 257 19.05 13.13 -33.85
CA GLY A 257 17.98 12.35 -34.46
C GLY A 257 16.61 13.01 -34.60
N PHE A 258 16.43 14.23 -34.10
CA PHE A 258 15.14 14.90 -34.22
C PHE A 258 15.17 15.80 -35.45
N GLY A 259 15.72 15.29 -36.54
CA GLY A 259 15.96 16.09 -37.72
C GLY A 259 14.71 16.40 -38.52
N ASP A 260 13.79 15.45 -38.57
CA ASP A 260 12.55 15.65 -39.31
C ASP A 260 11.58 16.65 -38.65
N ARG A 261 11.88 17.17 -37.47
CA ARG A 261 10.96 18.13 -36.87
C ARG A 261 11.57 19.45 -36.40
N VAL A 262 12.77 19.78 -36.86
CA VAL A 262 13.43 21.03 -36.49
C VAL A 262 12.62 22.26 -36.93
N ASP A 263 11.72 22.09 -37.88
CA ASP A 263 10.87 23.19 -38.35
C ASP A 263 10.02 23.81 -37.22
N TYR A 264 9.71 23.02 -36.20
CA TYR A 264 9.03 23.53 -35.03
C TYR A 264 9.86 24.61 -34.34
N ILE A 265 11.18 24.46 -34.40
CA ILE A 265 12.08 25.41 -33.76
C ILE A 265 11.90 26.78 -34.41
N ASP A 266 11.64 26.79 -35.71
CA ASP A 266 11.40 28.04 -36.44
C ASP A 266 10.20 28.79 -35.86
N TYR A 267 9.25 28.05 -35.31
CA TYR A 267 8.00 28.64 -34.84
C TYR A 267 8.24 29.32 -33.51
N LEU A 268 9.28 28.89 -32.80
CA LEU A 268 9.66 29.57 -31.57
C LEU A 268 10.48 30.84 -31.88
N ASN A 269 11.42 30.70 -32.82
CA ASN A 269 12.23 31.82 -33.26
C ASN A 269 11.38 32.96 -33.82
N HIS A 270 10.43 32.60 -34.67
CA HIS A 270 9.59 33.55 -35.39
C HIS A 270 8.17 33.41 -34.89
N SER A 271 7.80 34.22 -33.91
CA SER A 271 6.50 34.04 -33.26
C SER A 271 5.56 35.26 -33.45
N HIS A 272 4.25 35.01 -33.44
CA HIS A 272 3.28 36.11 -33.49
C HIS A 272 2.46 36.16 -32.19
N HIS A 273 2.13 37.36 -31.75
CA HIS A 273 1.62 37.51 -30.39
C HIS A 273 0.37 38.40 -30.33
N LEU A 274 -0.61 37.99 -29.52
CA LEU A 274 -1.69 38.88 -29.13
C LEU A 274 -1.44 39.43 -27.72
N TYR A 275 -1.40 40.75 -27.64
CA TYR A 275 -1.33 41.40 -26.37
C TYR A 275 -2.45 42.45 -26.31
N LYS A 276 -3.41 42.22 -25.42
CA LYS A 276 -4.59 43.08 -25.27
C LYS A 276 -5.26 43.40 -26.60
N ASN A 277 -4.98 44.59 -27.15
CA ASN A 277 -5.65 45.06 -28.36
C ASN A 277 -4.62 45.20 -29.47
N LYS A 278 -3.49 44.55 -29.28
CA LYS A 278 -2.44 44.62 -30.29
C LYS A 278 -2.01 43.23 -30.77
N THR A 279 -1.56 43.18 -32.02
CA THR A 279 -0.96 42.01 -32.60
C THR A 279 0.44 42.43 -32.95
N TYR A 280 1.44 41.64 -32.57
CA TYR A 280 2.81 41.94 -32.95
C TYR A 280 3.59 40.68 -33.31
N CYS A 281 4.64 40.90 -34.09
CA CYS A 281 5.53 39.86 -34.59
C CYS A 281 6.93 39.97 -34.00
N VAL A 282 7.50 38.86 -33.52
CA VAL A 282 8.83 38.89 -32.95
C VAL A 282 9.76 37.92 -33.65
N LYS A 283 10.89 38.40 -34.15
CA LYS A 283 11.90 37.48 -34.68
C LYS A 283 13.04 37.42 -33.70
N GLY A 284 13.52 36.21 -33.44
CA GLY A 284 14.43 36.01 -32.33
C GLY A 284 13.64 35.92 -31.04
N GLY A 285 14.35 35.62 -29.95
CA GLY A 285 13.75 35.56 -28.62
C GLY A 285 12.98 34.28 -28.41
N MET A 286 13.24 33.63 -27.29
CA MET A 286 12.50 32.43 -26.93
C MET A 286 11.21 32.85 -26.24
N PRO A 287 10.07 32.32 -26.70
CA PRO A 287 8.83 32.68 -25.99
C PRO A 287 8.73 31.92 -24.69
N SER A 288 8.42 32.63 -23.62
CA SER A 288 8.44 32.08 -22.27
C SER A 288 7.51 30.89 -22.02
N GLY A 289 6.40 30.84 -22.72
CA GLY A 289 5.40 29.84 -22.38
C GLY A 289 5.16 28.72 -23.35
N CYS A 290 6.06 28.54 -24.31
CA CYS A 290 5.93 27.43 -25.26
C CYS A 290 6.23 26.09 -24.63
N SER A 291 5.85 25.02 -25.31
CA SER A 291 6.27 23.72 -24.83
C SER A 291 7.80 23.61 -24.93
N GLY A 292 8.39 22.95 -23.96
CA GLY A 292 9.82 22.71 -23.95
C GLY A 292 10.74 23.90 -23.71
N THR A 293 10.19 25.06 -23.37
CA THR A 293 11.03 26.22 -23.10
C THR A 293 12.03 26.02 -21.97
N SER A 294 11.71 25.19 -20.97
CA SER A 294 12.67 24.84 -19.93
C SER A 294 13.81 23.97 -20.53
N ILE A 295 13.45 22.92 -21.28
CA ILE A 295 14.46 22.08 -21.95
C ILE A 295 15.30 22.84 -22.97
N PHE A 296 14.64 23.67 -23.79
CA PHE A 296 15.34 24.33 -24.90
C PHE A 296 16.25 25.46 -24.44
N ASN A 297 15.78 26.27 -23.50
CA ASN A 297 16.60 27.35 -22.97
C ASN A 297 17.85 26.80 -22.27
N SER A 298 17.70 25.66 -21.61
CA SER A 298 18.80 25.00 -20.94
C SER A 298 19.83 24.51 -21.95
N MET A 299 19.33 23.83 -22.98
CA MET A 299 20.17 23.34 -24.07
C MET A 299 20.90 24.49 -24.69
N ILE A 300 20.16 25.55 -24.98
CA ILE A 300 20.79 26.71 -25.59
C ILE A 300 21.86 27.29 -24.66
N ASN A 301 21.66 27.18 -23.33
CA ASN A 301 22.64 27.67 -22.35
C ASN A 301 23.93 26.85 -22.46
N ASN A 302 23.78 25.53 -22.52
CA ASN A 302 24.92 24.64 -22.74
C ASN A 302 25.72 24.95 -24.02
N LEU A 303 25.06 25.53 -25.02
CA LEU A 303 25.74 25.90 -26.27
C LEU A 303 26.45 27.25 -26.13
N ILE A 304 25.79 28.19 -25.48
CA ILE A 304 26.34 29.51 -25.23
C ILE A 304 27.65 29.43 -24.47
N ILE A 305 27.64 28.69 -23.37
CA ILE A 305 28.80 28.61 -22.50
C ILE A 305 29.99 27.92 -23.20
N ARG A 306 29.73 26.80 -23.87
CA ARG A 306 30.78 26.13 -24.62
C ARG A 306 31.35 27.06 -25.69
N THR A 307 30.48 27.86 -26.30
CA THR A 307 30.92 28.74 -27.35
C THR A 307 31.79 29.85 -26.81
N LEU A 308 31.35 30.46 -25.72
CA LEU A 308 32.17 31.49 -25.09
C LEU A 308 33.54 30.92 -24.60
N LEU A 309 33.53 29.76 -23.97
CA LEU A 309 34.77 29.13 -23.52
C LEU A 309 35.76 28.92 -24.67
N LEU A 310 35.26 28.49 -25.84
CA LEU A 310 36.07 28.23 -27.03
C LEU A 310 36.61 29.55 -27.60
N LYS A 311 35.75 30.54 -27.65
CA LYS A 311 36.12 31.89 -28.08
C LYS A 311 37.15 32.54 -27.15
N THR A 312 37.03 32.27 -25.85
CA THR A 312 37.80 33.01 -24.86
C THR A 312 39.07 32.25 -24.43
N TYR A 313 39.01 30.93 -24.41
CA TYR A 313 40.17 30.13 -24.06
C TYR A 313 40.44 29.14 -25.19
N LYS A 314 41.27 29.56 -26.13
CA LYS A 314 41.52 28.81 -27.35
C LYS A 314 41.97 27.39 -27.05
N GLY A 315 41.47 26.44 -27.85
CA GLY A 315 41.89 25.06 -27.72
C GLY A 315 41.37 24.32 -26.48
N ILE A 316 40.51 24.99 -25.70
CA ILE A 316 40.03 24.42 -24.44
C ILE A 316 39.37 23.06 -24.63
N ASP A 317 39.78 22.08 -23.83
CA ASP A 317 39.15 20.76 -23.85
C ASP A 317 37.80 20.77 -23.11
N LEU A 318 36.72 20.75 -23.87
CA LEU A 318 35.37 20.85 -23.31
C LEU A 318 34.95 19.60 -22.54
N ASP A 319 35.62 18.48 -22.75
CA ASP A 319 35.31 17.28 -21.99
C ASP A 319 35.48 17.45 -20.49
N HIS A 320 36.13 18.54 -20.07
CA HIS A 320 36.35 18.76 -18.65
C HIS A 320 35.39 19.81 -18.08
N LEU A 321 34.63 20.45 -18.96
CA LEU A 321 33.53 21.34 -18.55
C LEU A 321 32.46 20.56 -17.82
N LYS A 322 32.16 20.97 -16.59
CA LYS A 322 31.04 20.40 -15.86
C LYS A 322 30.08 21.54 -15.49
N MET A 323 28.94 21.55 -16.14
CA MET A 323 27.97 22.62 -15.93
C MET A 323 26.57 22.06 -15.81
N ILE A 324 25.73 22.80 -15.06
CA ILE A 324 24.32 22.43 -14.94
C ILE A 324 23.45 23.66 -15.10
N ALA A 325 22.54 23.63 -16.06
CA ALA A 325 21.68 24.77 -16.25
C ALA A 325 20.26 24.39 -15.92
N TYR A 326 19.49 25.40 -15.55
CA TYR A 326 18.03 25.32 -15.48
C TYR A 326 17.51 26.61 -16.14
N GLY A 327 17.12 26.52 -17.39
CA GLY A 327 16.86 27.73 -18.15
C GLY A 327 18.12 28.58 -18.22
N ASP A 328 18.02 29.83 -17.80
CA ASP A 328 19.17 30.75 -17.84
C ASP A 328 20.02 30.63 -16.58
N ASP A 329 19.48 29.95 -15.58
CA ASP A 329 20.22 29.77 -14.34
C ASP A 329 21.28 28.74 -14.64
N VAL A 330 22.45 28.85 -14.02
CA VAL A 330 23.54 27.90 -14.29
C VAL A 330 24.60 27.87 -13.20
N ILE A 331 25.17 26.69 -13.00
CA ILE A 331 26.34 26.53 -12.16
C ILE A 331 27.35 25.71 -12.97
N ALA A 332 28.51 26.29 -13.27
CA ALA A 332 29.52 25.61 -14.10
C ALA A 332 30.86 25.47 -13.41
N SER A 333 31.67 24.51 -13.87
CA SER A 333 33.00 24.31 -13.29
C SER A 333 34.01 23.87 -14.35
N TYR A 334 35.27 24.27 -14.17
CA TYR A 334 36.38 23.78 -15.00
C TYR A 334 37.59 23.39 -14.12
N PRO A 335 38.43 22.45 -14.60
CA PRO A 335 39.59 22.07 -13.76
C PRO A 335 40.57 23.21 -13.47
N HIS A 336 40.52 24.27 -14.27
CA HIS A 336 41.36 25.46 -14.07
C HIS A 336 40.44 26.68 -14.05
N GLU A 337 40.78 27.70 -13.25
CA GLU A 337 39.85 28.82 -13.05
C GLU A 337 39.44 29.49 -14.39
N VAL A 338 38.19 29.95 -14.49
CA VAL A 338 37.78 30.73 -15.66
C VAL A 338 37.10 32.04 -15.24
N ASP A 339 37.44 33.12 -15.94
CA ASP A 339 36.99 34.43 -15.55
C ASP A 339 35.68 34.84 -16.20
N ALA A 340 34.60 34.88 -15.41
CA ALA A 340 33.29 35.23 -15.92
C ALA A 340 33.36 36.56 -16.67
N SER A 341 34.14 37.49 -16.12
CA SER A 341 34.37 38.80 -16.71
C SER A 341 34.84 38.74 -18.18
N LEU A 342 35.58 37.70 -18.52
CA LEU A 342 36.08 37.60 -19.87
C LEU A 342 34.97 37.07 -20.77
N LEU A 343 34.24 36.08 -20.28
CA LEU A 343 33.14 35.48 -21.03
C LEU A 343 32.08 36.53 -21.35
N ALA A 344 31.78 37.37 -20.37
CA ALA A 344 30.76 38.40 -20.52
C ALA A 344 31.09 39.33 -21.67
N GLN A 345 32.38 39.60 -21.85
CA GLN A 345 32.78 40.47 -22.94
C GLN A 345 32.60 39.77 -24.29
N SER A 346 33.08 38.53 -24.39
CA SER A 346 32.80 37.71 -25.58
C SER A 346 31.29 37.57 -25.82
N GLY A 347 30.52 37.61 -24.73
CA GLY A 347 29.08 37.44 -24.80
C GLY A 347 28.46 38.54 -25.63
N LYS A 348 28.93 39.77 -25.40
CA LYS A 348 28.45 40.91 -26.16
C LYS A 348 28.45 40.59 -27.66
N ASP A 349 29.54 40.01 -28.14
CA ASP A 349 29.67 39.68 -29.55
C ASP A 349 28.52 38.78 -30.05
N TYR A 350 28.00 37.95 -29.15
CA TYR A 350 26.90 37.05 -29.48
C TYR A 350 25.55 37.51 -28.95
N GLY A 351 25.39 38.82 -28.74
CA GLY A 351 24.11 39.37 -28.34
C GLY A 351 23.73 39.21 -26.88
N LEU A 352 24.60 38.58 -26.10
CA LEU A 352 24.25 38.30 -24.71
C LEU A 352 24.80 39.34 -23.74
N THR A 353 23.95 39.79 -22.82
CA THR A 353 24.41 40.68 -21.77
C THR A 353 24.59 39.98 -20.42
N MET A 354 25.85 39.73 -20.04
CA MET A 354 26.18 38.96 -18.85
C MET A 354 26.74 39.83 -17.73
N THR A 355 26.23 39.62 -16.53
CA THR A 355 26.57 40.42 -15.36
C THR A 355 27.03 39.47 -14.24
N PRO A 356 27.66 40.00 -13.19
CA PRO A 356 28.10 39.13 -12.09
C PRO A 356 26.96 38.39 -11.35
N ALA A 357 27.24 37.14 -11.02
CA ALA A 357 26.32 36.26 -10.32
C ALA A 357 25.70 36.94 -9.10
N ASP A 358 24.39 36.76 -8.95
CA ASP A 358 23.63 37.26 -7.82
C ASP A 358 23.78 38.74 -7.55
N LYS A 359 23.67 39.54 -8.60
CA LYS A 359 23.54 40.99 -8.42
C LYS A 359 24.71 41.62 -7.66
N SER A 360 25.83 40.91 -7.54
CA SER A 360 27.06 41.53 -7.02
C SER A 360 27.50 42.60 -8.00
N ALA A 361 28.08 43.68 -7.49
CA ALA A 361 28.42 44.80 -8.36
C ALA A 361 29.80 44.64 -8.98
N THR A 362 30.43 43.50 -8.74
CA THR A 362 31.76 43.26 -9.26
C THR A 362 31.95 41.77 -9.55
N PHE A 363 32.69 41.47 -10.62
CA PHE A 363 32.98 40.11 -10.98
C PHE A 363 34.02 39.54 -10.02
N GLU A 364 33.60 38.61 -9.18
CA GLU A 364 34.48 38.06 -8.16
C GLU A 364 34.42 36.54 -8.13
N THR A 365 35.21 35.93 -7.26
CA THR A 365 35.44 34.49 -7.31
C THR A 365 34.28 33.65 -6.73
N VAL A 366 33.61 32.90 -7.60
CA VAL A 366 32.56 31.98 -7.17
C VAL A 366 33.17 30.87 -6.32
N THR A 367 32.60 30.66 -5.14
CA THR A 367 33.06 29.60 -4.23
C THR A 367 31.88 28.84 -3.69
N TRP A 368 32.13 27.70 -3.05
CA TRP A 368 31.05 26.95 -2.45
C TRP A 368 30.33 27.72 -1.34
N GLU A 369 30.92 28.82 -0.90
CA GLU A 369 30.30 29.63 0.15
C GLU A 369 29.18 30.51 -0.42
N ASN A 370 29.42 31.03 -1.62
CA ASN A 370 28.59 32.11 -2.16
C ASN A 370 27.84 31.73 -3.44
N VAL A 371 28.06 30.52 -3.93
CA VAL A 371 27.39 30.09 -5.16
C VAL A 371 25.89 29.85 -4.90
N THR A 372 25.05 30.09 -5.91
CA THR A 372 23.61 29.84 -5.75
C THR A 372 23.11 29.17 -6.99
N PHE A 373 22.07 28.38 -6.82
CA PHE A 373 21.43 27.73 -7.94
C PHE A 373 19.98 27.56 -7.54
N LEU A 374 19.06 27.84 -8.45
CA LEU A 374 17.63 27.82 -8.14
C LEU A 374 17.37 28.54 -6.83
N LYS A 375 18.03 29.68 -6.69
CA LYS A 375 17.90 30.58 -5.54
C LYS A 375 18.37 30.04 -4.20
N ARG A 376 19.04 28.90 -4.20
CA ARG A 376 19.50 28.30 -2.96
C ARG A 376 21.02 28.19 -2.85
N PHE A 377 21.53 28.43 -1.63
CA PHE A 377 22.93 28.22 -1.26
C PHE A 377 23.22 26.74 -0.97
N PHE A 378 24.51 26.40 -0.86
CA PHE A 378 24.97 25.04 -0.52
C PHE A 378 25.62 25.06 0.85
N ARG A 379 25.15 24.19 1.76
CA ARG A 379 25.64 24.16 3.15
C ARG A 379 25.59 22.72 3.63
N ALA A 380 26.75 22.19 3.99
CA ALA A 380 26.83 20.79 4.42
C ALA A 380 26.20 20.63 5.80
N ASP A 381 25.56 19.49 6.04
CA ASP A 381 25.00 19.17 7.35
C ASP A 381 26.12 19.05 8.37
N GLU A 382 25.91 19.60 9.56
CA GLU A 382 26.96 19.58 10.58
C GLU A 382 27.29 18.16 11.03
N LYS A 383 26.27 17.30 11.10
CA LYS A 383 26.51 15.91 11.48
C LYS A 383 27.15 15.16 10.32
N TYR A 384 26.40 15.01 9.23
CA TYR A 384 26.86 14.28 8.05
C TYR A 384 27.26 15.24 6.93
N PRO A 385 28.58 15.54 6.82
CA PRO A 385 29.07 16.63 5.98
C PRO A 385 28.99 16.36 4.49
N PHE A 386 28.80 15.11 4.09
CA PHE A 386 28.62 14.85 2.68
C PHE A 386 27.16 15.12 2.28
N LEU A 387 26.31 15.44 3.24
CA LEU A 387 24.92 15.78 2.92
C LEU A 387 24.78 17.29 2.81
N ILE A 388 24.26 17.74 1.68
CA ILE A 388 24.21 19.18 1.45
C ILE A 388 22.79 19.71 1.56
N HIS A 389 22.65 20.76 2.38
CA HIS A 389 21.43 21.54 2.47
C HIS A 389 21.32 22.52 1.32
N PRO A 390 20.20 22.47 0.59
CA PRO A 390 19.84 23.60 -0.29
C PRO A 390 19.30 24.70 0.62
N VAL A 391 19.90 25.88 0.58
CA VAL A 391 19.50 26.88 1.54
C VAL A 391 18.99 28.14 0.88
N MET A 392 17.68 28.31 0.95
CA MET A 392 17.02 29.54 0.53
C MET A 392 17.05 30.53 1.68
N PRO A 393 17.62 31.72 1.44
CA PRO A 393 17.66 32.74 2.48
C PRO A 393 16.25 33.09 2.99
N MET A 394 16.09 33.13 4.31
CA MET A 394 14.80 33.47 4.95
C MET A 394 14.05 34.60 4.27
N LYS A 395 14.80 35.62 3.85
CA LYS A 395 14.27 36.82 3.24
C LYS A 395 13.28 36.50 2.13
N GLU A 396 13.60 35.52 1.28
CA GLU A 396 12.69 35.16 0.19
C GLU A 396 11.41 34.54 0.75
N ILE A 397 11.56 33.78 1.83
CA ILE A 397 10.44 33.13 2.47
C ILE A 397 9.55 34.22 3.10
N HIS A 398 10.20 35.22 3.68
CA HIS A 398 9.52 36.31 4.35
C HIS A 398 8.65 37.10 3.39
N GLU A 399 9.17 37.34 2.19
CA GLU A 399 8.44 38.08 1.17
C GLU A 399 7.19 37.30 0.74
N SER A 400 7.31 35.99 0.72
CA SER A 400 6.22 35.15 0.22
C SER A 400 5.05 35.09 1.20
N ILE A 401 5.37 34.93 2.48
CA ILE A 401 4.36 34.66 3.51
C ILE A 401 3.48 35.88 3.78
N ARG A 402 3.96 37.04 3.33
CA ARG A 402 3.25 38.30 3.55
C ARG A 402 2.03 38.47 2.63
N TRP A 403 2.05 37.80 1.48
CA TRP A 403 0.91 37.88 0.60
C TRP A 403 0.24 36.51 0.38
N THR A 404 -0.91 36.53 -0.29
CA THR A 404 -1.70 35.34 -0.56
C THR A 404 -2.69 35.67 -1.68
N LYS A 405 -3.05 34.66 -2.48
CA LYS A 405 -4.00 34.85 -3.56
C LYS A 405 -5.35 34.28 -3.15
N ASP A 406 -5.35 33.57 -2.02
CA ASP A 406 -6.55 32.99 -1.45
C ASP A 406 -6.24 32.38 -0.06
N PRO A 407 -6.73 33.04 1.00
CA PRO A 407 -6.53 32.67 2.42
C PRO A 407 -6.96 31.22 2.70
N ARG A 408 -7.76 30.68 1.79
CA ARG A 408 -8.10 29.26 1.82
C ARG A 408 -6.84 28.43 1.88
N ASN A 409 -5.80 28.94 1.23
CA ASN A 409 -4.59 28.16 1.01
C ASN A 409 -3.54 28.38 2.08
N THR A 410 -3.89 29.14 3.12
CA THR A 410 -2.88 29.55 4.12
C THR A 410 -2.09 28.38 4.71
N GLN A 411 -2.82 27.36 5.18
CA GLN A 411 -2.23 26.14 5.76
C GLN A 411 -1.18 25.52 4.83
N ASP A 412 -1.59 25.28 3.60
CA ASP A 412 -0.72 24.63 2.66
C ASP A 412 0.45 25.54 2.31
N HIS A 413 0.15 26.79 1.98
CA HIS A 413 1.19 27.77 1.66
C HIS A 413 2.28 27.78 2.73
N VAL A 414 1.89 27.95 3.99
CA VAL A 414 2.86 28.14 5.07
C VAL A 414 3.66 26.87 5.34
N ARG A 415 2.99 25.72 5.23
CA ARG A 415 3.69 24.44 5.35
C ARG A 415 4.80 24.31 4.29
N SER A 416 4.45 24.60 3.03
CA SER A 416 5.42 24.61 1.96
C SER A 416 6.59 25.49 2.30
N LEU A 417 6.32 26.63 2.91
CA LEU A 417 7.42 27.52 3.25
C LEU A 417 8.33 26.93 4.33
N CYS A 418 7.76 26.14 5.23
CA CYS A 418 8.54 25.53 6.29
C CYS A 418 9.51 24.49 5.73
N LEU A 419 9.06 23.76 4.72
CA LEU A 419 9.90 22.79 4.07
C LEU A 419 11.11 23.46 3.44
N LEU A 420 10.95 24.68 2.93
CA LEU A 420 12.12 25.41 2.46
C LEU A 420 12.93 25.95 3.63
N ALA A 421 12.23 26.53 4.61
CA ALA A 421 12.89 27.35 5.64
C ALA A 421 13.88 26.59 6.54
N TRP A 422 13.59 25.34 6.88
CA TRP A 422 14.32 24.69 7.96
C TRP A 422 15.79 24.38 7.68
N HIS A 423 16.16 24.31 6.41
CA HIS A 423 17.56 24.11 6.01
C HIS A 423 18.45 25.23 6.52
N ASN A 424 17.82 26.28 7.02
CA ASN A 424 18.57 27.40 7.56
C ASN A 424 19.12 27.08 8.94
N GLY A 425 18.69 25.97 9.53
CA GLY A 425 19.14 25.62 10.86
C GLY A 425 18.07 25.76 11.93
N GLU A 426 18.25 25.02 13.03
CA GLU A 426 17.25 24.90 14.07
C GLU A 426 16.95 26.23 14.74
N GLU A 427 18.00 27.02 14.93
CA GLU A 427 17.84 28.33 15.55
C GLU A 427 16.95 29.25 14.71
N GLU A 428 17.21 29.28 13.40
CA GLU A 428 16.42 30.12 12.51
C GLU A 428 15.02 29.56 12.32
N TYR A 429 14.92 28.25 12.17
CA TYR A 429 13.62 27.62 11.97
C TYR A 429 12.68 27.86 13.15
N ASN A 430 13.17 27.67 14.38
CA ASN A 430 12.30 27.82 15.54
C ASN A 430 11.85 29.28 15.70
N LYS A 431 12.74 30.20 15.36
CA LYS A 431 12.39 31.61 15.32
C LYS A 431 11.26 31.87 14.30
N PHE A 432 11.38 31.28 13.11
CA PHE A 432 10.36 31.41 12.08
C PHE A 432 9.00 30.91 12.62
N LEU A 433 9.00 29.73 13.23
CA LEU A 433 7.79 29.20 13.82
C LEU A 433 7.26 30.13 14.93
N ALA A 434 8.19 30.76 15.65
CA ALA A 434 7.83 31.72 16.70
C ALA A 434 7.06 32.92 16.13
N LYS A 435 7.61 33.55 15.10
CA LYS A 435 6.95 34.71 14.49
C LYS A 435 5.57 34.32 13.91
N ILE A 436 5.51 33.15 13.27
CA ILE A 436 4.25 32.67 12.71
C ILE A 436 3.21 32.47 13.81
N ARG A 437 3.61 31.80 14.87
CA ARG A 437 2.69 31.50 15.95
C ARG A 437 2.38 32.72 16.81
N SER A 438 2.94 33.86 16.46
CA SER A 438 2.66 35.07 17.21
C SER A 438 1.32 35.73 16.79
N VAL A 439 0.68 35.21 15.74
CA VAL A 439 -0.68 35.61 15.39
C VAL A 439 -1.60 34.42 15.55
N PRO A 440 -2.90 34.69 15.80
CA PRO A 440 -3.76 33.54 16.11
C PRO A 440 -3.93 32.54 14.98
N ILE A 441 -3.88 32.98 13.73
CA ILE A 441 -4.06 32.04 12.64
C ILE A 441 -2.84 31.11 12.61
N GLY A 442 -1.64 31.68 12.74
CA GLY A 442 -0.44 30.89 12.94
C GLY A 442 -0.62 29.69 13.87
N ARG A 443 -1.17 29.95 15.05
CA ARG A 443 -1.36 28.91 16.06
C ARG A 443 -2.37 27.85 15.64
N ALA A 444 -3.15 28.16 14.60
CA ALA A 444 -4.14 27.22 14.10
C ALA A 444 -3.52 26.19 13.14
N LEU A 445 -2.30 26.45 12.68
CA LEU A 445 -1.70 25.65 11.61
C LEU A 445 -0.98 24.43 12.16
N ASP A 446 -1.07 23.29 11.47
CA ASP A 446 -0.23 22.14 11.83
C ASP A 446 1.13 22.28 11.16
N LEU A 447 2.13 22.55 11.98
CA LEU A 447 3.47 22.87 11.51
C LEU A 447 4.49 21.86 12.03
N PRO A 448 5.37 21.39 11.13
CA PRO A 448 6.37 20.35 11.40
C PRO A 448 7.46 20.82 12.34
N GLU A 449 7.78 20.03 13.36
CA GLU A 449 8.93 20.40 14.17
C GLU A 449 10.23 20.17 13.40
N TYR A 450 11.27 20.91 13.77
CA TYR A 450 12.58 20.75 13.14
C TYR A 450 13.02 19.28 13.10
N SER A 451 13.15 18.70 14.28
CA SER A 451 13.50 17.29 14.48
C SER A 451 12.81 16.37 13.47
N THR A 452 11.54 16.67 13.19
CA THR A 452 10.75 15.84 12.28
C THR A 452 11.25 15.95 10.84
N LEU A 453 11.58 17.19 10.48
CA LEU A 453 12.02 17.49 9.13
C LEU A 453 13.41 16.86 8.90
N TYR A 454 14.33 17.08 9.84
CA TYR A 454 15.69 16.56 9.73
C TYR A 454 15.68 15.04 9.56
N ARG A 455 14.95 14.35 10.43
CA ARG A 455 14.88 12.89 10.39
C ARG A 455 14.30 12.40 9.07
N ARG A 456 13.26 13.07 8.61
CA ARG A 456 12.61 12.67 7.36
C ARG A 456 13.56 12.94 6.20
N TRP A 457 14.33 14.02 6.32
CA TRP A 457 15.33 14.35 5.31
C TRP A 457 16.41 13.28 5.21
N LEU A 458 17.02 12.92 6.35
CA LEU A 458 18.03 11.86 6.37
C LEU A 458 17.44 10.58 5.80
N ASP A 459 16.23 10.25 6.24
CA ASP A 459 15.59 9.02 5.82
C ASP A 459 15.29 8.97 4.32
N SER A 460 15.08 10.11 3.68
CA SER A 460 14.78 10.08 2.24
C SER A 460 16.01 9.70 1.40
N PHE A 461 17.21 9.70 1.99
CA PHE A 461 18.39 9.27 1.23
C PHE A 461 18.49 7.76 1.12
N GLY A 462 17.52 7.04 1.69
CA GLY A 462 17.61 5.58 1.71
C GLY A 462 16.37 4.85 1.25
N GLY E 1 -13.06 -41.53 28.28
CA GLY E 1 -13.22 -40.48 29.26
C GLY E 1 -14.32 -40.80 30.26
N GLU E 2 -14.11 -40.44 31.53
CA GLU E 2 -15.06 -40.85 32.58
C GLU E 2 -15.09 -39.90 33.76
N ILE E 3 -16.31 -39.55 34.18
CA ILE E 3 -16.49 -38.71 35.36
C ILE E 3 -16.09 -39.52 36.60
N GLN E 4 -15.20 -38.95 37.39
CA GLN E 4 -14.69 -39.59 38.61
C GLN E 4 -15.64 -39.32 39.76
N TRP E 5 -16.00 -38.05 39.95
CA TRP E 5 -16.98 -37.66 40.94
C TRP E 5 -17.67 -36.36 40.54
N MET E 6 -18.79 -36.06 41.19
CA MET E 6 -19.56 -34.86 40.90
C MET E 6 -20.29 -34.48 42.16
N ARG E 7 -20.33 -33.19 42.47
CA ARG E 7 -20.86 -32.74 43.73
C ARG E 7 -21.12 -31.25 43.60
N PRO E 8 -22.03 -30.71 44.44
CA PRO E 8 -22.43 -29.32 44.28
C PRO E 8 -21.38 -28.36 44.85
N SER E 9 -20.82 -27.56 43.95
CA SER E 9 -19.81 -26.53 44.25
C SER E 9 -19.82 -25.92 45.67
N LYS E 10 -21.00 -25.79 46.28
CA LYS E 10 -21.14 -25.32 47.67
C LYS E 10 -20.35 -26.15 48.66
N GLU E 11 -20.43 -27.48 48.56
CA GLU E 11 -19.73 -28.37 49.49
C GLU E 11 -18.19 -28.17 49.49
N VAL E 12 -17.70 -27.33 48.57
CA VAL E 12 -16.27 -27.28 48.32
C VAL E 12 -15.80 -25.82 48.16
N GLY E 13 -16.74 -24.90 47.99
CA GLY E 13 -16.36 -23.50 48.02
C GLY E 13 -16.16 -22.90 46.66
N TYR E 14 -16.36 -23.69 45.60
CA TYR E 14 -16.34 -23.14 44.26
C TYR E 14 -17.64 -22.37 44.01
N PRO E 15 -17.57 -21.28 43.23
CA PRO E 15 -18.79 -20.49 43.06
C PRO E 15 -19.66 -21.11 41.98
N ILE E 16 -20.95 -20.78 42.03
CA ILE E 16 -21.90 -21.17 41.01
C ILE E 16 -21.59 -20.29 39.81
N ILE E 17 -21.80 -20.80 38.60
CA ILE E 17 -21.65 -19.95 37.42
C ILE E 17 -22.99 -19.95 36.67
N ASN E 18 -23.54 -18.79 36.34
CA ASN E 18 -24.77 -18.78 35.53
C ASN E 18 -24.48 -18.44 34.09
N ALA E 19 -24.83 -19.33 33.18
CA ALA E 19 -24.89 -18.97 31.78
C ALA E 19 -26.24 -18.37 31.53
N PRO E 20 -26.35 -17.47 30.54
CA PRO E 20 -27.67 -17.12 30.02
C PRO E 20 -28.46 -18.40 29.76
N SER E 21 -29.76 -18.36 30.01
CA SER E 21 -30.60 -19.54 29.94
C SER E 21 -31.35 -19.62 28.62
N LYS E 22 -31.29 -18.52 27.88
CA LYS E 22 -31.96 -18.41 26.59
C LYS E 22 -30.93 -18.23 25.50
N THR E 23 -31.30 -18.71 24.32
CA THR E 23 -30.44 -18.65 23.14
C THR E 23 -30.43 -17.25 22.54
N LYS E 24 -29.30 -16.86 21.95
CA LYS E 24 -29.21 -15.57 21.29
C LYS E 24 -29.66 -15.77 19.83
N LEU E 25 -30.03 -17.00 19.49
CA LEU E 25 -30.48 -17.30 18.12
C LEU E 25 -31.96 -16.98 17.92
N GLU E 26 -32.25 -16.14 16.93
CA GLU E 26 -33.64 -15.81 16.56
C GLU E 26 -33.83 -15.95 15.04
N PRO E 27 -35.07 -16.27 14.61
CA PRO E 27 -35.39 -16.38 13.18
C PRO E 27 -35.11 -15.07 12.45
N SER E 28 -34.42 -15.20 11.32
CA SER E 28 -33.99 -14.05 10.55
C SER E 28 -35.03 -13.70 9.55
N ALA E 29 -34.80 -12.59 8.87
CA ALA E 29 -35.62 -12.18 7.72
C ALA E 29 -35.81 -13.29 6.69
N PHE E 30 -34.88 -14.24 6.58
CA PHE E 30 -35.00 -15.22 5.50
C PHE E 30 -35.56 -16.54 6.03
N HIS E 31 -36.07 -16.51 7.27
CA HIS E 31 -36.56 -17.74 7.92
C HIS E 31 -37.54 -18.59 7.08
N TYR E 32 -38.44 -17.93 6.34
CA TYR E 32 -39.46 -18.67 5.58
C TYR E 32 -39.11 -18.80 4.12
N VAL E 33 -38.08 -18.09 3.67
CA VAL E 33 -37.67 -18.22 2.27
C VAL E 33 -37.01 -19.57 1.98
N PHE E 34 -36.24 -20.06 2.94
CA PHE E 34 -35.54 -21.34 2.76
C PHE E 34 -36.08 -22.44 3.68
N GLU E 35 -36.11 -23.68 3.21
CA GLU E 35 -36.47 -24.79 4.10
C GLU E 35 -35.27 -25.12 5.00
N GLY E 36 -35.52 -25.84 6.10
CA GLY E 36 -34.47 -26.21 7.02
C GLY E 36 -35.04 -26.81 8.29
N VAL E 37 -34.29 -27.74 8.90
CA VAL E 37 -34.83 -28.56 9.99
C VAL E 37 -34.14 -28.40 11.34
N LYS E 38 -33.13 -27.54 11.41
CA LYS E 38 -32.42 -27.42 12.67
C LYS E 38 -32.96 -26.24 13.45
N GLU E 39 -32.92 -26.36 14.77
CA GLU E 39 -33.33 -25.28 15.67
C GLU E 39 -32.25 -25.08 16.74
N PRO E 40 -32.36 -24.00 17.54
CA PRO E 40 -31.48 -23.75 18.70
C PRO E 40 -31.30 -24.94 19.65
N ALA E 41 -30.07 -25.15 20.10
CA ALA E 41 -29.81 -26.26 20.99
C ALA E 41 -30.53 -26.10 22.32
N VAL E 42 -30.86 -27.23 22.95
CA VAL E 42 -31.35 -27.18 24.31
C VAL E 42 -30.24 -26.65 25.21
N LEU E 43 -30.59 -25.61 25.96
CA LEU E 43 -29.63 -24.90 26.80
C LEU E 43 -29.88 -25.18 28.28
N THR E 44 -31.15 -25.35 28.68
CA THR E 44 -31.49 -25.67 30.07
C THR E 44 -32.37 -26.90 30.20
N LYS E 45 -32.79 -27.21 31.41
CA LYS E 45 -33.39 -28.49 31.70
C LYS E 45 -34.90 -28.37 31.85
N ASN E 46 -35.41 -27.13 31.83
CA ASN E 46 -36.85 -26.90 31.86
C ASN E 46 -37.46 -26.97 30.47
N ASP E 47 -36.59 -26.85 29.46
CA ASP E 47 -37.01 -26.80 28.06
C ASP E 47 -38.08 -27.85 27.77
N PRO E 48 -39.22 -27.38 27.22
CA PRO E 48 -40.38 -28.18 26.82
C PRO E 48 -40.02 -29.26 25.82
N ARG E 49 -39.14 -28.92 24.86
CA ARG E 49 -38.86 -29.81 23.74
C ARG E 49 -38.11 -31.07 24.15
N LEU E 50 -37.62 -31.09 25.39
CA LEU E 50 -36.90 -32.25 25.91
C LEU E 50 -37.83 -33.46 25.98
N LYS E 51 -37.33 -34.59 25.51
CA LYS E 51 -38.05 -35.85 25.62
C LYS E 51 -37.24 -36.85 26.47
N THR E 52 -36.21 -36.34 27.15
CA THR E 52 -35.39 -37.13 28.07
C THR E 52 -34.68 -36.23 29.10
N ASP E 53 -33.90 -36.82 30.00
CA ASP E 53 -33.25 -36.04 31.06
C ASP E 53 -32.01 -35.33 30.54
N PHE E 54 -31.98 -34.02 30.73
CA PHE E 54 -30.95 -33.18 30.14
C PHE E 54 -29.54 -33.57 30.59
N GLU E 55 -29.24 -33.40 31.88
CA GLU E 55 -27.89 -33.64 32.38
C GLU E 55 -27.43 -35.06 32.11
N GLU E 56 -28.35 -36.01 32.21
CA GLU E 56 -28.08 -37.37 31.77
C GLU E 56 -27.57 -37.43 30.32
N ALA E 57 -28.22 -36.69 29.44
CA ALA E 57 -27.89 -36.75 28.02
C ALA E 57 -26.53 -36.09 27.72
N ILE E 58 -26.27 -34.93 28.31
CA ILE E 58 -25.06 -34.19 27.97
C ILE E 58 -23.78 -34.85 28.53
N PHE E 59 -23.88 -35.58 29.63
CA PHE E 59 -22.68 -36.18 30.22
C PHE E 59 -22.50 -37.63 29.80
N SER E 60 -23.50 -38.16 29.10
CA SER E 60 -23.47 -39.51 28.54
C SER E 60 -22.23 -39.80 27.63
N LYS E 61 -21.61 -38.75 27.10
CA LYS E 61 -20.46 -38.90 26.19
C LYS E 61 -19.25 -39.48 26.92
N TYR E 62 -19.28 -39.44 28.24
CA TYR E 62 -18.18 -39.97 29.03
C TYR E 62 -18.37 -41.47 29.21
N VAL E 63 -18.13 -42.17 28.11
CA VAL E 63 -18.46 -43.59 28.02
C VAL E 63 -17.56 -44.51 28.87
N GLY E 64 -16.55 -43.94 29.52
CA GLY E 64 -15.63 -44.72 30.31
C GLY E 64 -14.25 -44.76 29.66
N ASN E 65 -13.28 -45.35 30.35
CA ASN E 65 -11.91 -45.47 29.81
C ASN E 65 -11.56 -46.92 29.50
N LYS E 66 -11.31 -47.23 28.23
CA LYS E 66 -11.13 -48.62 27.84
C LYS E 66 -9.74 -49.20 28.17
N ILE E 67 -8.70 -48.56 27.67
CA ILE E 67 -7.35 -49.03 27.92
C ILE E 67 -6.64 -48.08 28.89
N THR E 68 -5.53 -48.53 29.44
CA THR E 68 -4.74 -47.68 30.33
C THR E 68 -3.27 -47.77 29.95
N GLU E 69 -2.96 -48.72 29.08
CA GLU E 69 -1.58 -49.00 28.71
C GLU E 69 -1.19 -48.71 27.27
N VAL E 70 0.01 -48.18 27.10
CA VAL E 70 0.57 -48.02 25.78
C VAL E 70 1.12 -49.37 25.32
N ASP E 71 0.42 -50.00 24.38
CA ASP E 71 0.89 -51.24 23.80
C ASP E 71 1.90 -51.00 22.67
N GLU E 72 2.37 -52.11 22.10
CA GLU E 72 3.43 -52.07 21.13
C GLU E 72 3.03 -51.40 19.82
N TYR E 73 1.76 -51.56 19.43
CA TYR E 73 1.26 -50.91 18.23
C TYR E 73 1.27 -49.38 18.40
N MET E 74 0.77 -48.92 19.56
CA MET E 74 0.82 -47.50 19.88
C MET E 74 2.27 -46.98 19.86
N LYS E 75 3.17 -47.71 20.53
CA LYS E 75 4.59 -47.32 20.56
C LYS E 75 5.19 -47.20 19.17
N GLU E 76 4.71 -48.04 18.26
CA GLU E 76 5.23 -48.03 16.89
C GLU E 76 4.64 -46.86 16.11
N ALA E 77 3.32 -46.65 16.27
CA ALA E 77 2.64 -45.43 15.83
C ALA E 77 3.42 -44.19 16.24
N VAL E 78 3.67 -44.08 17.55
CA VAL E 78 4.45 -42.99 18.11
C VAL E 78 5.75 -42.76 17.36
N ASP E 79 6.54 -43.81 17.19
CA ASP E 79 7.85 -43.68 16.57
C ASP E 79 7.72 -43.14 15.16
N HIS E 80 6.83 -43.74 14.39
CA HIS E 80 6.61 -43.28 13.03
C HIS E 80 6.13 -41.84 12.97
N TYR E 81 5.10 -41.51 13.75
CA TYR E 81 4.59 -40.14 13.70
C TYR E 81 5.66 -39.17 14.18
N ALA E 82 6.34 -39.50 15.29
CA ALA E 82 7.45 -38.67 15.75
C ALA E 82 8.50 -38.43 14.66
N GLY E 83 9.01 -39.51 14.07
CA GLY E 83 10.01 -39.41 13.01
C GLY E 83 9.58 -38.50 11.88
N GLN E 84 8.31 -38.59 11.48
CA GLN E 84 7.75 -37.65 10.50
C GLN E 84 7.93 -36.17 10.94
N LEU E 85 7.48 -35.85 12.15
CA LEU E 85 7.55 -34.47 12.64
C LEU E 85 8.97 -33.92 12.78
N MET E 86 9.93 -34.78 13.06
CA MET E 86 11.30 -34.30 13.27
C MET E 86 11.88 -33.66 12.01
N SER E 87 11.33 -34.03 10.86
CA SER E 87 11.75 -33.50 9.57
C SER E 87 11.36 -32.03 9.37
N LEU E 88 10.40 -31.54 10.14
CA LEU E 88 10.00 -30.13 10.07
C LEU E 88 11.01 -29.21 10.76
N ASP E 89 11.84 -29.78 11.64
CA ASP E 89 12.83 -29.02 12.41
C ASP E 89 12.11 -27.96 13.23
N ILE E 90 11.22 -28.42 14.10
CA ILE E 90 10.37 -27.51 14.86
C ILE E 90 11.15 -26.85 15.99
N ASN E 91 11.04 -25.53 16.10
CA ASN E 91 11.67 -24.82 17.20
C ASN E 91 11.09 -25.33 18.52
N THR E 92 11.98 -25.70 19.45
CA THR E 92 11.52 -26.36 20.68
C THR E 92 11.67 -25.45 21.88
N GLU E 93 12.21 -24.26 21.67
CA GLU E 93 12.33 -23.31 22.75
C GLU E 93 10.93 -22.87 23.25
N GLN E 94 10.87 -22.42 24.48
CA GLN E 94 9.67 -21.77 24.97
C GLN E 94 9.33 -20.60 24.06
N MET E 95 8.06 -20.29 23.94
CA MET E 95 7.66 -19.06 23.29
C MET E 95 7.65 -17.99 24.39
N CYS E 96 8.15 -16.79 24.10
CA CYS E 96 8.21 -15.73 25.13
C CYS E 96 6.80 -15.23 25.49
N LEU E 97 6.62 -14.78 26.73
CA LEU E 97 5.28 -14.38 27.20
C LEU E 97 4.55 -13.43 26.23
N GLU E 98 5.27 -12.46 25.69
CA GLU E 98 4.67 -11.47 24.81
C GLU E 98 4.17 -12.13 23.51
N ASP E 99 4.98 -13.01 22.93
CA ASP E 99 4.56 -13.71 21.73
C ASP E 99 3.40 -14.67 22.07
N ALA E 100 3.43 -15.19 23.29
CA ALA E 100 2.42 -16.13 23.75
C ALA E 100 1.07 -15.43 23.88
N MET E 101 1.08 -14.20 24.41
CA MET E 101 -0.16 -13.44 24.62
C MET E 101 -0.63 -12.82 23.32
N TYR E 102 0.31 -12.32 22.52
CA TYR E 102 -0.05 -11.34 21.51
C TYR E 102 0.17 -11.82 20.09
N GLY E 103 0.56 -13.07 19.95
CA GLY E 103 0.72 -13.65 18.63
C GLY E 103 2.04 -13.36 17.95
N THR E 104 2.32 -14.13 16.90
CA THR E 104 3.55 -14.03 16.15
C THR E 104 3.31 -14.77 14.84
N ASP E 105 4.33 -14.88 13.98
CA ASP E 105 4.18 -15.61 12.72
C ASP E 105 3.61 -17.02 12.96
N GLY E 106 2.43 -17.29 12.41
CA GLY E 106 1.82 -18.60 12.56
C GLY E 106 0.89 -18.83 13.76
N LEU E 107 0.81 -17.89 14.70
CA LEU E 107 -0.07 -18.06 15.85
C LEU E 107 -0.73 -16.74 16.22
N GLU E 108 -2.03 -16.62 16.02
CA GLU E 108 -2.72 -15.38 16.35
C GLU E 108 -2.74 -15.11 17.84
N ALA E 109 -3.08 -13.89 18.21
CA ALA E 109 -3.15 -13.53 19.62
C ALA E 109 -4.31 -14.24 20.32
N LEU E 110 -4.24 -14.31 21.65
CA LEU E 110 -5.40 -14.60 22.46
C LEU E 110 -6.61 -13.74 22.07
N ASP E 111 -7.81 -14.30 22.28
CA ASP E 111 -9.05 -13.64 21.90
C ASP E 111 -9.61 -12.85 23.06
N LEU E 112 -9.56 -11.52 22.94
CA LEU E 112 -10.05 -10.63 24.00
C LEU E 112 -11.55 -10.44 23.88
N SER E 113 -12.12 -11.18 22.95
CA SER E 113 -13.53 -11.10 22.76
C SER E 113 -14.19 -12.33 23.37
N THR E 114 -13.52 -12.99 24.31
CA THR E 114 -14.11 -14.17 24.90
C THR E 114 -13.79 -14.19 26.38
N SER E 115 -14.47 -15.05 27.13
CA SER E 115 -14.25 -15.16 28.58
C SER E 115 -12.80 -15.44 29.01
N ALA E 116 -12.49 -15.04 30.23
CA ALA E 116 -11.18 -15.24 30.80
C ALA E 116 -11.18 -16.51 31.63
N GLY E 117 -12.36 -17.07 31.81
CA GLY E 117 -12.49 -18.30 32.56
C GLY E 117 -12.23 -18.11 34.04
N TYR E 118 -12.07 -19.23 34.74
CA TYR E 118 -11.82 -19.22 36.18
C TYR E 118 -10.43 -18.70 36.49
N PRO E 119 -10.29 -17.85 37.53
CA PRO E 119 -11.35 -17.39 38.43
C PRO E 119 -11.84 -16.02 38.07
N TYR E 120 -11.32 -15.44 36.99
CA TYR E 120 -11.72 -14.11 36.56
C TYR E 120 -13.21 -13.98 36.34
N VAL E 121 -13.83 -15.09 35.92
CA VAL E 121 -15.24 -15.07 35.58
C VAL E 121 -16.08 -14.76 36.81
N ALA E 122 -15.59 -15.16 37.97
CA ALA E 122 -16.30 -14.96 39.23
C ALA E 122 -16.01 -13.61 39.91
N MET E 123 -15.37 -12.69 39.17
CA MET E 123 -15.02 -11.36 39.68
C MET E 123 -15.33 -10.29 38.65
N GLY E 124 -16.15 -10.62 37.66
CA GLY E 124 -16.42 -9.73 36.54
C GLY E 124 -15.15 -9.21 35.88
N LYS E 125 -14.10 -10.03 35.88
CA LYS E 125 -12.88 -9.63 35.23
C LYS E 125 -12.84 -10.19 33.83
N LYS E 126 -12.49 -9.35 32.85
CA LYS E 126 -12.40 -9.80 31.48
C LYS E 126 -10.94 -9.80 31.01
N LYS E 127 -10.67 -10.41 29.85
CA LYS E 127 -9.34 -10.36 29.27
C LYS E 127 -8.95 -8.90 28.93
N ARG E 128 -9.92 -8.11 28.51
CA ARG E 128 -9.62 -6.72 28.12
C ARG E 128 -9.07 -5.90 29.27
N ASP E 129 -9.29 -6.38 30.50
CA ASP E 129 -8.77 -5.72 31.69
C ASP E 129 -7.34 -6.12 32.03
N ILE E 130 -6.75 -6.98 31.21
CA ILE E 130 -5.43 -7.52 31.49
C ILE E 130 -4.54 -7.38 30.27
N LEU E 131 -5.10 -7.62 29.08
CA LEU E 131 -4.28 -7.57 27.89
C LEU E 131 -4.60 -6.34 27.07
N ASN E 132 -3.59 -5.81 26.39
CA ASN E 132 -3.75 -4.67 25.50
C ASN E 132 -2.87 -4.85 24.27
N LYS E 133 -3.51 -5.11 23.13
CA LYS E 133 -2.83 -5.46 21.89
C LYS E 133 -2.08 -4.29 21.27
N GLN E 134 -2.40 -3.05 21.66
CA GLN E 134 -1.70 -1.94 21.04
C GLN E 134 -0.32 -1.76 21.67
N THR E 135 -0.18 -2.13 22.95
CA THR E 135 1.11 -1.99 23.65
C THR E 135 1.85 -3.31 23.83
N ARG E 136 1.15 -4.42 23.62
CA ARG E 136 1.69 -5.75 23.88
C ARG E 136 2.29 -5.83 25.28
N ASP E 137 1.61 -5.23 26.24
CA ASP E 137 2.08 -5.20 27.62
C ASP E 137 1.84 -6.55 28.31
N THR E 138 2.86 -7.04 29.01
CA THR E 138 2.81 -8.35 29.65
C THR E 138 2.83 -8.25 31.17
N LYS E 139 2.96 -7.03 31.68
CA LYS E 139 3.24 -6.81 33.09
C LYS E 139 2.15 -7.35 34.01
N GLU E 140 0.91 -7.14 33.64
CA GLU E 140 -0.19 -7.54 34.52
C GLU E 140 -0.46 -9.03 34.39
N MET E 141 -0.32 -9.55 33.16
CA MET E 141 -0.42 -10.98 32.93
C MET E 141 0.64 -11.76 33.70
N GLN E 142 1.87 -11.25 33.74
CA GLN E 142 2.93 -11.93 34.46
C GLN E 142 2.57 -12.02 35.94
N LYS E 143 2.11 -10.91 36.50
CA LYS E 143 1.68 -10.88 37.90
C LYS E 143 0.51 -11.83 38.17
N LEU E 144 -0.51 -11.81 37.32
CA LEU E 144 -1.64 -12.71 37.47
C LEU E 144 -1.23 -14.19 37.28
N LEU E 145 -0.20 -14.45 36.45
CA LEU E 145 0.36 -15.79 36.32
C LEU E 145 1.01 -16.29 37.61
N ASP E 146 1.82 -15.41 38.21
CA ASP E 146 2.42 -15.69 39.49
C ASP E 146 1.37 -15.89 40.57
N THR E 147 0.31 -15.08 40.53
CA THR E 147 -0.71 -15.12 41.58
C THR E 147 -1.51 -16.42 41.60
N TYR E 148 -2.20 -16.72 40.51
CA TYR E 148 -3.08 -17.89 40.53
C TYR E 148 -2.38 -19.16 40.07
N GLY E 149 -1.25 -18.99 39.39
CA GLY E 149 -0.51 -20.14 38.88
C GLY E 149 -1.30 -20.80 37.78
N ILE E 150 -1.07 -22.09 37.58
CA ILE E 150 -1.69 -22.84 36.50
C ILE E 150 -2.43 -24.11 36.97
N ASN E 151 -2.88 -24.90 36.00
CA ASN E 151 -3.74 -26.07 36.24
C ASN E 151 -5.02 -25.72 37.01
N LEU E 152 -5.71 -24.69 36.56
CA LEU E 152 -6.99 -24.27 37.14
C LEU E 152 -8.22 -25.03 36.58
N PRO E 153 -9.36 -25.03 37.28
CA PRO E 153 -10.50 -25.72 36.68
C PRO E 153 -11.13 -25.03 35.46
N LEU E 154 -11.74 -25.88 34.63
CA LEU E 154 -12.41 -25.44 33.42
C LEU E 154 -13.89 -25.16 33.70
N VAL E 155 -14.43 -24.09 33.14
CA VAL E 155 -15.86 -23.81 33.28
C VAL E 155 -16.66 -24.44 32.13
N THR E 156 -17.60 -25.33 32.45
CA THR E 156 -18.43 -25.96 31.44
C THR E 156 -19.69 -25.15 31.03
N TYR E 157 -19.79 -24.90 29.74
CA TYR E 157 -20.95 -24.23 29.20
C TYR E 157 -21.60 -25.12 28.17
N VAL E 158 -22.85 -24.84 27.86
CA VAL E 158 -23.53 -25.50 26.77
C VAL E 158 -23.43 -24.61 25.55
N LYS E 159 -22.98 -25.16 24.44
CA LYS E 159 -22.81 -24.37 23.21
C LYS E 159 -24.14 -23.89 22.64
N ASP E 160 -24.22 -22.60 22.38
CA ASP E 160 -25.44 -22.01 21.85
C ASP E 160 -25.43 -22.08 20.31
N GLU E 161 -25.95 -23.17 19.75
CA GLU E 161 -25.88 -23.43 18.32
C GLU E 161 -27.13 -24.09 17.74
N LEU E 162 -27.23 -24.11 16.40
CA LEU E 162 -28.28 -24.89 15.75
C LEU E 162 -28.00 -26.37 15.95
N ARG E 163 -29.05 -27.17 15.90
CA ARG E 163 -28.96 -28.57 16.24
C ARG E 163 -30.12 -29.33 15.58
N SER E 164 -29.85 -30.55 15.12
CA SER E 164 -30.90 -31.40 14.53
C SER E 164 -32.05 -31.66 15.51
N LYS E 165 -33.27 -31.62 14.98
CA LYS E 165 -34.51 -31.90 15.70
C LYS E 165 -34.38 -33.12 16.63
N THR E 166 -33.87 -34.21 16.08
CA THR E 166 -33.60 -35.42 16.84
C THR E 166 -32.69 -35.09 18.02
N LYS E 167 -31.62 -34.34 17.77
CA LYS E 167 -30.66 -34.02 18.82
C LYS E 167 -31.26 -33.11 19.88
N VAL E 168 -32.10 -32.19 19.43
CA VAL E 168 -32.77 -31.29 20.36
C VAL E 168 -33.58 -32.10 21.37
N GLU E 169 -34.54 -32.87 20.89
CA GLU E 169 -35.40 -33.65 21.77
C GLU E 169 -34.62 -34.65 22.59
N GLN E 170 -33.65 -35.31 21.97
CA GLN E 170 -32.83 -36.28 22.69
C GLN E 170 -31.79 -35.62 23.60
N GLY E 171 -31.71 -34.29 23.55
CA GLY E 171 -30.98 -33.53 24.55
C GLY E 171 -29.50 -33.55 24.34
N LYS E 172 -29.10 -34.03 23.17
CA LYS E 172 -27.70 -34.12 22.79
C LYS E 172 -27.13 -32.74 22.45
N SER E 173 -26.96 -31.92 23.46
CA SER E 173 -26.37 -30.60 23.28
C SER E 173 -24.88 -30.72 23.54
N ARG E 174 -24.09 -29.87 22.90
CA ARG E 174 -22.65 -29.99 22.99
C ARG E 174 -22.05 -29.10 24.06
N LEU E 175 -21.01 -29.61 24.72
CA LEU E 175 -20.42 -28.85 25.82
C LEU E 175 -19.07 -28.23 25.44
N ILE E 176 -18.89 -27.05 26.00
CA ILE E 176 -17.72 -26.21 25.85
C ILE E 176 -17.02 -26.19 27.21
N GLU E 177 -15.70 -26.30 27.23
CA GLU E 177 -14.94 -26.10 28.45
C GLU E 177 -14.16 -24.80 28.35
N ALA E 178 -14.48 -23.81 29.19
CA ALA E 178 -13.79 -22.54 29.08
C ALA E 178 -12.49 -22.62 29.83
N SER E 179 -11.42 -22.46 29.08
CA SER E 179 -10.10 -22.55 29.66
C SER E 179 -9.74 -21.23 30.31
N SER E 180 -9.00 -21.32 31.40
CA SER E 180 -8.56 -20.16 32.12
C SER E 180 -7.50 -19.42 31.32
N LEU E 181 -7.55 -18.09 31.36
CA LEU E 181 -6.54 -17.25 30.71
C LEU E 181 -5.12 -17.67 31.10
N ASN E 182 -4.92 -18.00 32.38
CA ASN E 182 -3.62 -18.48 32.87
C ASN E 182 -3.10 -19.72 32.14
N ASP E 183 -3.96 -20.74 32.08
CA ASP E 183 -3.63 -21.98 31.42
C ASP E 183 -3.49 -21.78 29.92
N SER E 184 -4.32 -20.96 29.29
CA SER E 184 -4.10 -20.67 27.88
C SER E 184 -2.71 -20.10 27.66
N VAL E 185 -2.31 -19.18 28.55
CA VAL E 185 -1.07 -18.48 28.37
C VAL E 185 0.12 -19.43 28.63
N ALA E 186 0.06 -20.17 29.74
CA ALA E 186 1.09 -21.15 30.05
C ALA E 186 1.23 -22.20 28.95
N MET E 187 0.10 -22.59 28.34
CA MET E 187 0.15 -23.54 27.25
C MET E 187 0.86 -22.98 26.04
N ARG E 188 0.59 -21.72 25.76
CA ARG E 188 1.13 -21.11 24.55
C ARG E 188 2.61 -20.81 24.73
N MET E 189 3.05 -20.67 25.98
CA MET E 189 4.47 -20.46 26.22
C MET E 189 5.19 -21.76 25.94
N ALA E 190 4.61 -22.84 26.46
CA ALA E 190 5.14 -24.19 26.33
C ALA E 190 5.09 -24.71 24.90
N PHE E 191 3.98 -24.47 24.21
CA PHE E 191 3.77 -25.12 22.92
C PHE E 191 3.53 -24.18 21.75
N GLY E 192 3.64 -22.88 21.97
CA GLY E 192 3.39 -21.94 20.88
C GLY E 192 4.22 -22.24 19.64
N ASN E 193 5.49 -22.63 19.84
CA ASN E 193 6.36 -22.92 18.71
C ASN E 193 5.88 -24.16 17.95
N LEU E 194 5.37 -25.15 18.66
CA LEU E 194 4.70 -26.27 18.03
C LEU E 194 3.46 -25.80 17.24
N TYR E 195 2.54 -25.06 17.88
CA TYR E 195 1.33 -24.57 17.19
C TYR E 195 1.72 -23.87 15.88
N ALA E 196 2.74 -23.02 15.97
CA ALA E 196 3.19 -22.23 14.84
C ALA E 196 3.60 -23.15 13.70
N ALA E 197 4.49 -24.09 14.01
CA ALA E 197 4.99 -25.04 13.01
C ALA E 197 3.85 -25.75 12.29
N PHE E 198 2.87 -26.21 13.06
CA PHE E 198 1.70 -26.86 12.48
C PHE E 198 0.87 -25.88 11.65
N HIS E 199 0.69 -24.65 12.15
CA HIS E 199 -0.18 -23.76 11.40
C HIS E 199 0.47 -23.43 10.07
N LYS E 200 1.79 -23.37 10.04
CA LYS E 200 2.49 -23.06 8.80
C LYS E 200 2.63 -24.29 7.90
N ASN E 201 2.45 -25.49 8.43
CA ASN E 201 2.62 -26.66 7.57
C ASN E 201 1.41 -27.57 7.46
N PRO E 202 0.30 -27.06 6.88
CA PRO E 202 -0.87 -27.91 6.63
C PRO E 202 -0.46 -28.99 5.64
N GLY E 203 -0.82 -30.25 5.88
CA GLY E 203 -0.49 -31.31 4.93
C GLY E 203 -0.26 -32.72 5.48
N VAL E 204 0.55 -33.52 4.77
CA VAL E 204 0.70 -34.95 5.10
C VAL E 204 1.90 -35.25 6.02
N ILE E 205 2.77 -34.26 6.17
CA ILE E 205 3.84 -34.35 7.16
C ILE E 205 3.30 -34.10 8.58
N THR E 206 2.64 -32.96 8.81
CA THR E 206 2.00 -32.74 10.11
C THR E 206 0.86 -33.74 10.28
N GLY E 207 0.23 -34.10 9.17
CA GLY E 207 -0.96 -34.92 9.22
C GLY E 207 -2.14 -34.08 9.70
N SER E 208 -2.02 -32.77 9.53
CA SER E 208 -3.01 -31.81 9.98
C SER E 208 -3.39 -30.76 8.93
N ALA E 209 -4.62 -30.27 9.00
CA ALA E 209 -5.10 -29.24 8.06
C ALA E 209 -5.31 -27.90 8.74
N VAL E 210 -4.99 -27.83 10.03
CA VAL E 210 -5.12 -26.58 10.78
C VAL E 210 -4.20 -25.53 10.16
N GLY E 211 -4.78 -24.43 9.67
CA GLY E 211 -3.95 -23.36 9.14
C GLY E 211 -4.06 -23.21 7.64
N CYS E 212 -4.83 -24.11 7.04
CA CYS E 212 -5.11 -24.11 5.60
C CYS E 212 -6.27 -23.23 5.17
N ASP E 213 -6.25 -22.80 3.92
CA ASP E 213 -7.42 -22.19 3.32
C ASP E 213 -8.07 -23.13 2.31
N PRO E 214 -9.27 -23.64 2.65
CA PRO E 214 -9.97 -24.59 1.79
C PRO E 214 -10.12 -24.16 0.31
N ASP E 215 -10.37 -22.87 0.08
CA ASP E 215 -10.40 -22.32 -1.29
C ASP E 215 -9.19 -22.71 -2.14
N LEU E 216 -8.02 -22.66 -1.52
CA LEU E 216 -6.74 -22.88 -2.21
C LEU E 216 -6.20 -24.27 -1.94
N PHE E 217 -6.40 -24.71 -0.70
CA PHE E 217 -5.82 -25.95 -0.21
C PHE E 217 -6.45 -27.15 -0.91
N TRP E 218 -7.73 -27.06 -1.19
CA TRP E 218 -8.43 -28.19 -1.81
C TRP E 218 -7.74 -28.72 -3.10
N SER E 219 -6.94 -27.90 -3.77
CA SER E 219 -6.37 -28.29 -5.04
C SER E 219 -5.04 -29.01 -4.83
N LYS E 220 -4.47 -28.83 -3.65
CA LYS E 220 -3.28 -29.53 -3.19
C LYS E 220 -3.60 -30.95 -2.69
N ILE E 221 -4.74 -31.11 -2.03
CA ILE E 221 -4.98 -32.38 -1.34
C ILE E 221 -4.87 -33.63 -2.23
N PRO E 222 -5.44 -33.61 -3.46
CA PRO E 222 -5.40 -34.85 -4.26
C PRO E 222 -4.02 -35.20 -4.79
N VAL E 223 -3.12 -34.23 -4.82
CA VAL E 223 -1.71 -34.46 -5.15
C VAL E 223 -1.03 -35.16 -3.98
N LEU E 224 -1.41 -34.77 -2.78
CA LEU E 224 -0.82 -35.30 -1.55
C LEU E 224 -1.25 -36.72 -1.24
N MET E 225 -2.41 -37.11 -1.73
CA MET E 225 -2.99 -38.38 -1.30
C MET E 225 -2.39 -39.55 -2.05
N GLU E 226 -2.79 -40.75 -1.63
CA GLU E 226 -2.47 -41.98 -2.32
C GLU E 226 -3.63 -42.41 -3.22
N GLU E 227 -3.48 -43.53 -3.91
CA GLU E 227 -4.48 -43.97 -4.89
C GLU E 227 -5.81 -44.30 -4.20
N LYS E 228 -5.74 -44.95 -3.05
CA LYS E 228 -6.95 -45.47 -2.43
C LYS E 228 -7.24 -44.74 -1.13
N LEU E 229 -8.43 -44.14 -1.08
CA LEU E 229 -8.83 -43.30 0.03
C LEU E 229 -9.60 -44.10 1.04
N PHE E 230 -9.46 -43.74 2.31
CA PHE E 230 -10.38 -44.26 3.32
C PHE E 230 -10.74 -43.17 4.33
N ALA E 231 -11.91 -43.32 4.93
CA ALA E 231 -12.45 -42.33 5.83
C ALA E 231 -13.48 -43.01 6.72
N PHE E 232 -13.89 -42.31 7.77
CA PHE E 232 -14.92 -42.80 8.69
C PHE E 232 -15.24 -41.69 9.70
N ASP E 233 -16.33 -41.86 10.44
CA ASP E 233 -16.73 -40.91 11.47
C ASP E 233 -16.38 -41.44 12.86
N TYR E 234 -16.21 -40.54 13.83
CA TYR E 234 -16.08 -40.92 15.25
C TYR E 234 -17.37 -40.57 16.01
N THR E 235 -17.74 -41.40 16.99
CA THR E 235 -18.82 -41.04 17.92
C THR E 235 -18.19 -40.57 19.24
N GLY E 236 -18.40 -39.31 19.60
CA GLY E 236 -17.81 -38.73 20.79
C GLY E 236 -16.30 -38.90 20.85
N TYR E 237 -15.62 -38.50 19.78
CA TYR E 237 -14.15 -38.59 19.71
C TYR E 237 -13.47 -38.15 21.00
N ASP E 238 -13.66 -36.88 21.33
CA ASP E 238 -12.93 -36.23 22.42
C ASP E 238 -13.12 -36.94 23.75
N ALA E 239 -14.38 -37.16 24.11
CA ALA E 239 -14.67 -37.77 25.38
C ALA E 239 -14.27 -39.25 25.40
N SER E 240 -14.31 -39.92 24.25
CA SER E 240 -13.93 -41.35 24.25
C SER E 240 -12.43 -41.60 24.43
N LEU E 241 -11.59 -40.58 24.23
CA LEU E 241 -10.14 -40.73 24.35
C LEU E 241 -9.67 -41.19 25.74
N SER E 242 -8.97 -42.32 25.77
CA SER E 242 -8.45 -42.87 27.02
C SER E 242 -7.12 -42.26 27.45
N PRO E 243 -6.78 -42.35 28.75
CA PRO E 243 -5.46 -41.90 29.25
C PRO E 243 -4.26 -42.45 28.44
N ALA E 244 -4.32 -43.68 27.95
CA ALA E 244 -3.22 -44.22 27.16
C ALA E 244 -2.89 -43.31 26.00
N TRP E 245 -3.93 -42.80 25.35
CA TRP E 245 -3.70 -41.91 24.22
C TRP E 245 -2.93 -40.67 24.67
N PHE E 246 -3.24 -40.16 25.86
CA PHE E 246 -2.50 -39.02 26.38
C PHE E 246 -1.01 -39.39 26.65
N GLU E 247 -0.77 -40.60 27.17
CA GLU E 247 0.61 -41.07 27.34
C GLU E 247 1.34 -41.15 26.01
N ALA E 248 0.66 -41.64 24.98
CA ALA E 248 1.32 -41.78 23.68
C ALA E 248 1.68 -40.41 23.13
N LEU E 249 0.82 -39.42 23.36
CA LEU E 249 1.06 -38.06 22.87
C LEU E 249 2.27 -37.46 23.56
N LYS E 250 2.36 -37.62 24.88
CA LYS E 250 3.55 -37.23 25.64
C LYS E 250 4.81 -37.81 25.02
N MET E 251 4.76 -39.11 24.67
CA MET E 251 5.90 -39.80 24.08
C MET E 251 6.34 -39.11 22.82
N VAL E 252 5.38 -38.70 22.00
CA VAL E 252 5.71 -37.96 20.78
C VAL E 252 6.40 -36.65 21.10
N LEU E 253 5.86 -35.93 22.08
CA LEU E 253 6.41 -34.65 22.52
C LEU E 253 7.80 -34.75 23.13
N GLU E 254 8.05 -35.79 23.91
CA GLU E 254 9.40 -36.06 24.41
C GLU E 254 10.36 -36.27 23.24
N LYS E 255 9.91 -37.05 22.26
CA LYS E 255 10.72 -37.44 21.11
C LYS E 255 11.09 -36.26 20.25
N ILE E 256 10.15 -35.32 20.07
CA ILE E 256 10.46 -34.18 19.22
C ILE E 256 11.05 -33.02 20.03
N GLY E 257 11.28 -33.21 21.33
CA GLY E 257 11.98 -32.20 22.11
C GLY E 257 11.20 -31.41 23.15
N PHE E 258 9.89 -31.62 23.26
CA PHE E 258 9.11 -30.88 24.26
C PHE E 258 8.98 -31.73 25.50
N GLY E 259 10.07 -32.37 25.91
CA GLY E 259 10.04 -33.33 27.00
C GLY E 259 9.88 -32.71 28.36
N ASP E 260 10.48 -31.53 28.53
CA ASP E 260 10.38 -30.84 29.81
C ASP E 260 8.98 -30.24 30.08
N ARG E 261 8.02 -30.35 29.15
CA ARG E 261 6.71 -29.80 29.44
C ARG E 261 5.53 -30.75 29.25
N VAL E 262 5.82 -32.05 29.15
CA VAL E 262 4.74 -33.03 28.99
C VAL E 262 3.73 -33.05 30.15
N ASP E 263 4.12 -32.55 31.31
CA ASP E 263 3.20 -32.50 32.45
C ASP E 263 1.94 -31.68 32.15
N TYR E 264 2.04 -30.71 31.22
CA TYR E 264 0.84 -29.98 30.82
C TYR E 264 -0.22 -30.90 30.25
N ILE E 265 0.21 -31.95 29.56
CA ILE E 265 -0.68 -32.91 28.92
C ILE E 265 -1.47 -33.63 29.99
N ASP E 266 -0.84 -33.86 31.15
CA ASP E 266 -1.53 -34.51 32.28
C ASP E 266 -2.73 -33.68 32.70
N TYR E 267 -2.63 -32.38 32.50
CA TYR E 267 -3.67 -31.49 33.00
C TYR E 267 -4.89 -31.55 32.10
N LEU E 268 -4.68 -31.93 30.84
CA LEU E 268 -5.81 -32.13 29.93
C LEU E 268 -6.48 -33.47 30.21
N ASN E 269 -5.66 -34.49 30.44
CA ASN E 269 -6.15 -35.82 30.75
C ASN E 269 -7.02 -35.81 32.02
N HIS E 270 -6.50 -35.18 33.07
CA HIS E 270 -7.11 -35.18 34.41
C HIS E 270 -7.60 -33.78 34.71
N SER E 271 -8.85 -33.50 34.40
CA SER E 271 -9.37 -32.13 34.50
C SER E 271 -10.55 -32.01 35.51
N HIS E 272 -10.66 -30.83 36.13
CA HIS E 272 -11.76 -30.56 37.03
C HIS E 272 -12.65 -29.45 36.43
N HIS E 273 -13.96 -29.56 36.63
CA HIS E 273 -14.86 -28.74 35.84
C HIS E 273 -15.94 -28.10 36.72
N LEU E 274 -16.23 -26.83 36.47
CA LEU E 274 -17.42 -26.22 37.07
C LEU E 274 -18.55 -26.18 36.04
N TYR E 275 -19.66 -26.82 36.38
CA TYR E 275 -20.84 -26.71 35.55
C TYR E 275 -22.02 -26.26 36.42
N LYS E 276 -22.52 -25.06 36.13
CA LYS E 276 -23.59 -24.42 36.90
C LYS E 276 -23.32 -24.48 38.40
N ASN E 277 -23.96 -25.44 39.07
CA ASN E 277 -23.88 -25.53 40.52
C ASN E 277 -23.16 -26.80 40.92
N LYS E 278 -22.46 -27.40 39.98
CA LYS E 278 -21.74 -28.63 40.28
C LYS E 278 -20.23 -28.52 39.96
N THR E 279 -19.46 -29.28 40.70
CA THR E 279 -18.03 -29.43 40.45
C THR E 279 -17.87 -30.89 40.16
N TYR E 280 -17.14 -31.22 39.10
CA TYR E 280 -16.89 -32.64 38.80
C TYR E 280 -15.47 -32.83 38.26
N CYS E 281 -14.97 -34.05 38.44
CA CYS E 281 -13.63 -34.45 38.01
C CYS E 281 -13.68 -35.46 36.86
N VAL E 282 -12.91 -35.24 35.81
CA VAL E 282 -12.91 -36.16 34.66
C VAL E 282 -11.52 -36.73 34.41
N LYS E 283 -11.40 -38.06 34.38
CA LYS E 283 -10.14 -38.67 33.94
C LYS E 283 -10.30 -39.24 32.53
N GLY E 284 -9.33 -38.94 31.68
CA GLY E 284 -9.48 -39.20 30.27
C GLY E 284 -10.25 -38.09 29.60
N GLY E 285 -10.38 -38.17 28.29
CA GLY E 285 -11.17 -37.22 27.52
C GLY E 285 -10.43 -35.91 27.34
N MET E 286 -10.39 -35.45 26.10
CA MET E 286 -9.77 -34.18 25.78
C MET E 286 -10.79 -33.07 26.02
N PRO E 287 -10.43 -32.07 26.83
CA PRO E 287 -11.39 -30.98 27.03
C PRO E 287 -11.45 -30.09 25.80
N SER E 288 -12.65 -29.78 25.33
CA SER E 288 -12.87 -29.06 24.08
C SER E 288 -12.24 -27.67 23.99
N GLY E 289 -12.12 -26.98 25.11
CA GLY E 289 -11.69 -25.59 25.07
C GLY E 289 -10.32 -25.25 25.61
N CYS E 290 -9.48 -26.26 25.82
CA CYS E 290 -8.10 -25.98 26.25
C CYS E 290 -7.27 -25.40 25.11
N SER E 291 -6.12 -24.83 25.44
CA SER E 291 -5.18 -24.43 24.39
C SER E 291 -4.67 -25.65 23.64
N GLY E 292 -4.52 -25.51 22.33
CA GLY E 292 -3.99 -26.57 21.49
C GLY E 292 -4.88 -27.77 21.24
N THR E 293 -6.14 -27.71 21.65
CA THR E 293 -7.03 -28.85 21.41
C THR E 293 -7.20 -29.19 19.92
N SER E 294 -7.10 -28.22 19.02
CA SER E 294 -7.07 -28.54 17.58
C SER E 294 -5.76 -29.26 17.23
N ILE E 295 -4.62 -28.74 17.68
CA ILE E 295 -3.35 -29.41 17.42
C ILE E 295 -3.26 -30.80 18.05
N PHE E 296 -3.68 -30.93 19.32
CA PHE E 296 -3.50 -32.21 20.02
C PHE E 296 -4.47 -33.28 19.54
N ASN E 297 -5.72 -32.90 19.32
CA ASN E 297 -6.71 -33.85 18.80
C ASN E 297 -6.30 -34.42 17.42
N SER E 298 -5.69 -33.59 16.60
CA SER E 298 -5.22 -34.02 15.29
C SER E 298 -4.08 -35.01 15.41
N MET E 299 -3.11 -34.63 16.26
CA MET E 299 -1.97 -35.48 16.57
C MET E 299 -2.44 -36.81 17.09
N ILE E 300 -3.36 -36.77 18.02
CA ILE E 300 -3.82 -38.02 18.56
C ILE E 300 -4.50 -38.81 17.46
N ASN E 301 -5.14 -38.12 16.49
CA ASN E 301 -5.79 -38.83 15.38
C ASN E 301 -4.75 -39.57 14.54
N ASN E 302 -3.67 -38.89 14.20
CA ASN E 302 -2.57 -39.50 13.49
C ASN E 302 -1.96 -40.72 14.21
N LEU E 303 -2.06 -40.77 15.53
CA LEU E 303 -1.55 -41.92 16.28
C LEU E 303 -2.57 -43.06 16.26
N ILE E 304 -3.84 -42.70 16.43
CA ILE E 304 -4.94 -43.66 16.34
C ILE E 304 -4.95 -44.38 15.00
N ILE E 305 -4.90 -43.63 13.91
CA ILE E 305 -4.98 -44.22 12.57
C ILE E 305 -3.74 -45.12 12.30
N ARG E 306 -2.55 -44.65 12.63
CA ARG E 306 -1.36 -45.49 12.48
C ARG E 306 -1.45 -46.78 13.31
N THR E 307 -2.01 -46.66 14.50
CA THR E 307 -2.08 -47.80 15.40
C THR E 307 -3.07 -48.84 14.89
N LEU E 308 -4.26 -48.40 14.50
CA LEU E 308 -5.23 -49.34 13.95
C LEU E 308 -4.69 -50.01 12.68
N LEU E 309 -4.06 -49.25 11.79
CA LEU E 309 -3.46 -49.84 10.60
C LEU E 309 -2.44 -50.94 10.95
N LEU E 310 -1.63 -50.71 11.98
CA LEU E 310 -0.62 -51.70 12.40
C LEU E 310 -1.28 -52.94 13.00
N LYS E 311 -2.29 -52.71 13.81
CA LYS E 311 -3.08 -53.77 14.42
C LYS E 311 -3.85 -54.60 13.39
N THR E 312 -4.34 -53.95 12.33
CA THR E 312 -5.25 -54.57 11.38
C THR E 312 -4.54 -55.11 10.13
N TYR E 313 -3.49 -54.44 9.68
CA TYR E 313 -2.73 -54.92 8.53
C TYR E 313 -1.27 -55.08 8.92
N LYS E 314 -0.92 -56.29 9.36
CA LYS E 314 0.39 -56.56 9.93
C LYS E 314 1.52 -56.18 9.00
N GLY E 315 2.59 -55.63 9.58
CA GLY E 315 3.78 -55.31 8.83
C GLY E 315 3.63 -54.12 7.89
N ILE E 316 2.48 -53.43 7.94
CA ILE E 316 2.19 -52.34 7.01
C ILE E 316 3.26 -51.23 7.05
N ASP E 317 3.75 -50.87 5.87
CA ASP E 317 4.70 -49.76 5.74
C ASP E 317 3.93 -48.44 5.86
N LEU E 318 4.09 -47.78 7.01
CA LEU E 318 3.38 -46.54 7.29
C LEU E 318 3.90 -45.35 6.48
N ASP E 319 5.10 -45.47 5.89
CA ASP E 319 5.64 -44.37 5.09
C ASP E 319 4.76 -44.05 3.88
N HIS E 320 3.84 -44.94 3.56
CA HIS E 320 2.97 -44.74 2.40
C HIS E 320 1.55 -44.29 2.78
N LEU E 321 1.28 -44.28 4.09
CA LEU E 321 0.06 -43.67 4.62
C LEU E 321 0.08 -42.15 4.37
N LYS E 322 -0.93 -41.64 3.69
CA LYS E 322 -1.06 -40.20 3.56
C LYS E 322 -2.41 -39.75 4.14
N MET E 323 -2.35 -39.06 5.27
CA MET E 323 -3.58 -38.64 5.91
C MET E 323 -3.50 -37.20 6.36
N ILE E 324 -4.70 -36.59 6.43
CA ILE E 324 -4.84 -35.21 6.92
C ILE E 324 -6.01 -35.13 7.89
N ALA E 325 -5.73 -34.73 9.12
CA ALA E 325 -6.78 -34.63 10.12
C ALA E 325 -6.98 -33.17 10.44
N TYR E 326 -8.19 -32.85 10.90
CA TYR E 326 -8.50 -31.58 11.57
C TYR E 326 -9.33 -31.97 12.80
N GLY E 327 -8.69 -32.05 13.97
CA GLY E 327 -9.35 -32.63 15.11
C GLY E 327 -9.72 -34.07 14.84
N ASP E 328 -11.01 -34.40 14.99
CA ASP E 328 -11.44 -35.79 14.74
C ASP E 328 -11.76 -36.04 13.28
N ASP E 329 -11.91 -34.96 12.51
CA ASP E 329 -12.23 -35.10 11.11
C ASP E 329 -10.99 -35.56 10.38
N VAL E 330 -11.15 -36.34 9.32
CA VAL E 330 -9.98 -36.88 8.62
C VAL E 330 -10.26 -37.34 7.19
N ILE E 331 -9.23 -37.23 6.35
CA ILE E 331 -9.25 -37.84 5.05
C ILE E 331 -7.93 -38.60 4.89
N ALA E 332 -8.00 -39.92 4.71
CA ALA E 332 -6.76 -40.72 4.61
C ALA E 332 -6.64 -41.55 3.33
N SER E 333 -5.41 -41.90 2.97
CA SER E 333 -5.16 -42.71 1.78
C SER E 333 -3.96 -43.64 1.93
N TYR E 334 -4.10 -44.82 1.30
CA TYR E 334 -3.02 -45.80 1.21
C TYR E 334 -2.92 -46.32 -0.23
N PRO E 335 -1.72 -46.78 -0.65
CA PRO E 335 -1.59 -47.29 -2.02
C PRO E 335 -2.45 -48.50 -2.35
N HIS E 336 -2.89 -49.22 -1.32
CA HIS E 336 -3.75 -50.39 -1.50
C HIS E 336 -4.96 -50.18 -0.62
N GLU E 337 -6.14 -50.63 -1.05
CA GLU E 337 -7.38 -50.33 -0.35
C GLU E 337 -7.34 -50.77 1.13
N VAL E 338 -7.99 -49.99 2.01
CA VAL E 338 -8.13 -50.43 3.40
C VAL E 338 -9.59 -50.34 3.85
N ASP E 339 -10.04 -51.35 4.58
CA ASP E 339 -11.44 -51.46 4.94
C ASP E 339 -11.74 -50.76 6.28
N ALA E 340 -12.44 -49.62 6.21
CA ALA E 340 -12.78 -48.84 7.41
C ALA E 340 -13.48 -49.72 8.43
N SER E 341 -14.33 -50.61 7.92
CA SER E 341 -15.07 -51.60 8.71
C SER E 341 -14.16 -52.45 9.61
N LEU E 342 -12.94 -52.68 9.17
CA LEU E 342 -12.03 -53.49 9.95
C LEU E 342 -11.39 -52.65 11.04
N LEU E 343 -11.00 -51.43 10.66
CA LEU E 343 -10.40 -50.52 11.63
C LEU E 343 -11.35 -50.24 12.78
N ALA E 344 -12.63 -50.06 12.46
CA ALA E 344 -13.63 -49.74 13.46
C ALA E 344 -13.70 -50.84 14.52
N GLN E 345 -13.49 -52.07 14.08
CA GLN E 345 -13.50 -53.19 15.03
C GLN E 345 -12.26 -53.18 15.90
N SER E 346 -11.08 -52.99 15.29
CA SER E 346 -9.87 -52.80 16.08
C SER E 346 -10.06 -51.60 17.03
N GLY E 347 -10.87 -50.63 16.60
CA GLY E 347 -11.09 -49.42 17.36
C GLY E 347 -11.72 -49.69 18.71
N LYS E 348 -12.71 -50.57 18.73
CA LYS E 348 -13.36 -50.95 19.98
C LYS E 348 -12.33 -51.33 21.04
N ASP E 349 -11.33 -52.11 20.66
CA ASP E 349 -10.28 -52.53 21.58
C ASP E 349 -9.58 -51.34 22.24
N TYR E 350 -9.50 -50.22 21.52
CA TYR E 350 -8.85 -49.02 22.06
C TYR E 350 -9.83 -47.94 22.52
N GLY E 351 -11.06 -48.33 22.85
CA GLY E 351 -12.03 -47.41 23.40
C GLY E 351 -12.72 -46.50 22.42
N LEU E 352 -12.37 -46.60 21.15
CA LEU E 352 -12.92 -45.69 20.14
C LEU E 352 -14.11 -46.30 19.44
N THR E 353 -15.17 -45.50 19.28
CA THR E 353 -16.32 -45.93 18.48
C THR E 353 -16.37 -45.34 17.06
N MET E 354 -16.07 -46.16 16.07
CA MET E 354 -15.97 -45.67 14.70
C MET E 354 -17.13 -46.13 13.79
N THR E 355 -17.71 -45.19 13.04
CA THR E 355 -18.89 -45.45 12.21
C THR E 355 -18.59 -45.00 10.77
N PRO E 356 -19.44 -45.40 9.80
CA PRO E 356 -19.18 -45.01 8.40
C PRO E 356 -19.20 -43.50 8.13
N ALA E 357 -18.28 -43.05 7.30
CA ALA E 357 -18.14 -41.62 6.97
C ALA E 357 -19.46 -40.99 6.61
N ASP E 358 -19.71 -39.81 7.18
CA ASP E 358 -20.89 -39.02 6.87
C ASP E 358 -22.21 -39.73 7.03
N LYS E 359 -22.39 -40.40 8.16
CA LYS E 359 -23.72 -40.88 8.53
C LYS E 359 -24.35 -41.85 7.51
N SER E 360 -23.53 -42.43 6.63
CA SER E 360 -24.01 -43.55 5.81
C SER E 360 -24.29 -44.70 6.75
N ALA E 361 -25.30 -45.50 6.42
CA ALA E 361 -25.71 -46.57 7.33
C ALA E 361 -24.90 -47.84 7.05
N THR E 362 -23.95 -47.75 6.13
CA THR E 362 -23.14 -48.90 5.79
C THR E 362 -21.73 -48.51 5.37
N PHE E 363 -20.76 -49.34 5.73
CA PHE E 363 -19.38 -49.08 5.38
C PHE E 363 -19.18 -49.36 3.90
N GLU E 364 -18.97 -48.32 3.11
CA GLU E 364 -18.85 -48.47 1.67
C GLU E 364 -17.64 -47.72 1.12
N THR E 365 -17.38 -47.83 -0.18
CA THR E 365 -16.12 -47.37 -0.74
C THR E 365 -16.00 -45.84 -0.89
N VAL E 366 -15.09 -45.26 -0.11
CA VAL E 366 -14.81 -43.83 -0.20
C VAL E 366 -14.20 -43.48 -1.54
N THR E 367 -14.78 -42.48 -2.21
CA THR E 367 -14.24 -42.02 -3.51
C THR E 367 -14.19 -40.51 -3.59
N TRP E 368 -13.51 -39.98 -4.59
CA TRP E 368 -13.45 -38.53 -4.78
C TRP E 368 -14.82 -37.93 -5.04
N GLU E 369 -15.80 -38.79 -5.33
CA GLU E 369 -17.15 -38.32 -5.57
C GLU E 369 -17.85 -38.01 -4.25
N ASN E 370 -17.62 -38.88 -3.27
CA ASN E 370 -18.46 -38.85 -2.08
C ASN E 370 -17.70 -38.50 -0.81
N VAL E 371 -16.39 -38.31 -0.93
CA VAL E 371 -15.56 -37.99 0.21
C VAL E 371 -15.86 -36.55 0.67
N THR E 372 -15.75 -36.29 1.98
CA THR E 372 -15.98 -34.93 2.52
C THR E 372 -14.88 -34.64 3.50
N PHE E 373 -14.57 -33.37 3.67
CA PHE E 373 -13.58 -32.95 4.64
C PHE E 373 -13.97 -31.53 5.03
N LEU E 374 -13.97 -31.24 6.32
CA LEU E 374 -14.46 -29.96 6.81
C LEU E 374 -15.78 -29.63 6.15
N LYS E 375 -16.65 -30.64 6.11
CA LYS E 375 -18.01 -30.50 5.57
C LYS E 375 -18.10 -30.16 4.07
N ARG E 376 -16.99 -30.26 3.34
CA ARG E 376 -17.02 -29.91 1.91
C ARG E 376 -16.63 -31.07 0.99
N PHE E 377 -17.35 -31.17 -0.14
CA PHE E 377 -17.03 -32.10 -1.22
C PHE E 377 -15.90 -31.58 -2.11
N PHE E 378 -15.36 -32.48 -2.94
CA PHE E 378 -14.31 -32.14 -3.90
C PHE E 378 -14.86 -32.22 -5.31
N ARG E 379 -14.73 -31.14 -6.07
CA ARG E 379 -15.30 -31.02 -7.42
C ARG E 379 -14.38 -30.15 -8.26
N ALA E 380 -13.86 -30.74 -9.33
CA ALA E 380 -12.93 -30.04 -10.20
C ALA E 380 -13.69 -28.99 -11.01
N ASP E 381 -13.04 -27.87 -11.27
CA ASP E 381 -13.60 -26.82 -12.12
C ASP E 381 -13.76 -27.35 -13.55
N GLU E 382 -14.86 -26.97 -14.19
CA GLU E 382 -15.12 -27.44 -15.56
C GLU E 382 -14.08 -26.90 -16.55
N LYS E 383 -13.65 -25.66 -16.38
CA LYS E 383 -12.63 -25.12 -17.26
C LYS E 383 -11.26 -25.70 -16.89
N TYR E 384 -10.77 -25.38 -15.70
CA TYR E 384 -9.45 -25.82 -15.26
C TYR E 384 -9.53 -26.98 -14.27
N PRO E 385 -9.45 -28.22 -14.79
CA PRO E 385 -9.80 -29.41 -14.00
C PRO E 385 -8.81 -29.74 -12.89
N PHE E 386 -7.61 -29.14 -12.89
CA PHE E 386 -6.73 -29.37 -11.75
C PHE E 386 -7.09 -28.46 -10.57
N LEU E 387 -8.03 -27.54 -10.77
CA LEU E 387 -8.46 -26.65 -9.68
C LEU E 387 -9.68 -27.24 -9.01
N ILE E 388 -9.58 -27.44 -7.70
CA ILE E 388 -10.68 -28.14 -7.04
C ILE E 388 -11.52 -27.19 -6.22
N HIS E 389 -12.82 -27.27 -6.46
CA HIS E 389 -13.81 -26.60 -5.63
C HIS E 389 -14.09 -27.37 -4.35
N PRO E 390 -13.96 -26.69 -3.20
CA PRO E 390 -14.58 -27.17 -1.96
C PRO E 390 -16.07 -26.90 -2.05
N VAL E 391 -16.89 -27.92 -1.95
CA VAL E 391 -18.30 -27.71 -2.15
C VAL E 391 -19.09 -28.07 -0.90
N MET E 392 -19.56 -27.04 -0.20
CA MET E 392 -20.49 -27.24 0.90
C MET E 392 -21.88 -27.31 0.31
N PRO E 393 -22.58 -28.41 0.55
CA PRO E 393 -23.95 -28.56 0.03
C PRO E 393 -24.86 -27.40 0.47
N MET E 394 -25.65 -26.84 -0.45
CA MET E 394 -26.57 -25.75 -0.11
C MET E 394 -27.31 -25.90 1.22
N LYS E 395 -27.74 -27.12 1.51
CA LYS E 395 -28.53 -27.42 2.69
C LYS E 395 -27.96 -26.83 3.96
N GLU E 396 -26.64 -26.95 4.14
CA GLU E 396 -26.02 -26.42 5.35
C GLU E 396 -26.13 -24.90 5.36
N ILE E 397 -26.00 -24.32 4.17
CA ILE E 397 -26.09 -22.89 4.00
C ILE E 397 -27.51 -22.42 4.29
N HIS E 398 -28.48 -23.20 3.84
CA HIS E 398 -29.87 -22.83 4.02
C HIS E 398 -30.18 -22.78 5.51
N GLU E 399 -29.63 -23.75 6.25
CA GLU E 399 -29.87 -23.81 7.69
C GLU E 399 -29.31 -22.57 8.39
N SER E 400 -28.16 -22.11 7.91
CA SER E 400 -27.51 -21.00 8.58
C SER E 400 -28.27 -19.66 8.36
N ILE E 401 -28.74 -19.42 7.14
CA ILE E 401 -29.30 -18.13 6.78
C ILE E 401 -30.66 -17.89 7.44
N ARG E 402 -31.29 -18.97 7.90
CA ARG E 402 -32.61 -18.88 8.50
C ARG E 402 -32.59 -18.28 9.91
N TRP E 403 -31.46 -18.38 10.60
CA TRP E 403 -31.32 -17.78 11.93
C TRP E 403 -30.24 -16.70 12.01
N THR E 404 -30.19 -16.01 13.15
CA THR E 404 -29.23 -14.93 13.36
C THR E 404 -29.16 -14.63 14.87
N LYS E 405 -28.01 -14.13 15.34
CA LYS E 405 -27.86 -13.76 16.74
C LYS E 405 -27.90 -12.23 16.89
N ASP E 406 -27.89 -11.55 15.75
CA ASP E 406 -28.00 -10.11 15.71
C ASP E 406 -28.13 -9.62 14.25
N PRO E 407 -29.34 -9.16 13.88
CA PRO E 407 -29.74 -8.68 12.55
C PRO E 407 -28.82 -7.56 12.06
N ARG E 408 -28.13 -6.94 13.01
CA ARG E 408 -27.06 -6.01 12.70
C ARG E 408 -26.08 -6.63 11.73
N ASN E 409 -25.92 -7.96 11.85
CA ASN E 409 -24.88 -8.66 11.10
C ASN E 409 -25.35 -9.24 9.79
N THR E 410 -26.59 -8.96 9.40
CA THR E 410 -27.16 -9.62 8.22
C THR E 410 -26.28 -9.52 6.95
N GLN E 411 -25.83 -8.32 6.62
CA GLN E 411 -24.97 -8.06 5.46
C GLN E 411 -23.72 -8.96 5.48
N ASP E 412 -23.03 -8.99 6.60
CA ASP E 412 -21.80 -9.78 6.73
C ASP E 412 -22.11 -11.26 6.72
N HIS E 413 -23.08 -11.70 7.53
CA HIS E 413 -23.48 -13.10 7.56
C HIS E 413 -23.80 -13.63 6.16
N VAL E 414 -24.65 -12.92 5.42
CA VAL E 414 -25.14 -13.44 4.14
C VAL E 414 -24.03 -13.46 3.09
N ARG E 415 -23.18 -12.45 3.09
CA ARG E 415 -22.01 -12.40 2.21
C ARG E 415 -21.07 -13.58 2.47
N SER E 416 -20.76 -13.83 3.74
CA SER E 416 -19.98 -15.02 4.11
C SER E 416 -20.61 -16.27 3.53
N LEU E 417 -21.93 -16.34 3.54
CA LEU E 417 -22.56 -17.53 3.00
C LEU E 417 -22.42 -17.65 1.49
N CYS E 418 -22.39 -16.51 0.80
CA CYS E 418 -22.23 -16.53 -0.65
C CYS E 418 -20.85 -17.04 -1.06
N LEU E 419 -19.83 -16.66 -0.29
CA LEU E 419 -18.48 -17.13 -0.52
C LEU E 419 -18.41 -18.64 -0.39
N LEU E 420 -19.22 -19.23 0.49
CA LEU E 420 -19.25 -20.67 0.53
C LEU E 420 -20.09 -21.19 -0.64
N ALA E 421 -21.26 -20.58 -0.88
CA ALA E 421 -22.26 -21.17 -1.77
C ALA E 421 -21.88 -21.32 -3.25
N TRP E 422 -21.11 -20.39 -3.81
CA TRP E 422 -20.97 -20.30 -5.28
C TRP E 422 -20.21 -21.46 -5.89
N HIS E 423 -19.38 -22.14 -5.10
CA HIS E 423 -18.69 -23.34 -5.57
C HIS E 423 -19.70 -24.40 -5.98
N ASN E 424 -20.97 -24.17 -5.69
CA ASN E 424 -21.99 -25.13 -6.08
C ASN E 424 -22.34 -25.05 -7.57
N GLY E 425 -21.84 -24.01 -8.25
CA GLY E 425 -22.13 -23.81 -9.65
C GLY E 425 -23.02 -22.60 -9.89
N GLU E 426 -22.94 -22.04 -11.10
CA GLU E 426 -23.59 -20.77 -11.42
C GLU E 426 -25.11 -20.87 -11.31
N GLU E 427 -25.64 -22.01 -11.72
CA GLU E 427 -27.07 -22.23 -11.69
C GLU E 427 -27.60 -22.20 -10.25
N GLU E 428 -26.92 -22.90 -9.35
CA GLU E 428 -27.36 -22.92 -7.96
C GLU E 428 -27.11 -21.57 -7.31
N TYR E 429 -25.95 -20.98 -7.59
CA TYR E 429 -25.66 -19.68 -6.99
C TYR E 429 -26.70 -18.62 -7.38
N ASN E 430 -27.06 -18.53 -8.66
CA ASN E 430 -28.01 -17.50 -9.08
C ASN E 430 -29.38 -17.73 -8.46
N LYS E 431 -29.74 -19.00 -8.31
CA LYS E 431 -30.95 -19.38 -7.60
C LYS E 431 -30.92 -18.90 -6.13
N PHE E 432 -29.80 -19.14 -5.46
CA PHE E 432 -29.58 -18.69 -4.08
C PHE E 432 -29.74 -17.18 -3.97
N LEU E 433 -29.10 -16.45 -4.88
CA LEU E 433 -29.25 -15.01 -4.93
C LEU E 433 -30.71 -14.62 -5.24
N ALA E 434 -31.39 -15.44 -6.04
CA ALA E 434 -32.79 -15.18 -6.34
C ALA E 434 -33.68 -15.26 -5.10
N LYS E 435 -33.56 -16.35 -4.34
CA LYS E 435 -34.37 -16.53 -3.13
C LYS E 435 -34.08 -15.42 -2.11
N ILE E 436 -32.81 -15.05 -1.96
CA ILE E 436 -32.43 -14.00 -1.03
C ILE E 436 -33.08 -12.67 -1.42
N ARG E 437 -32.98 -12.36 -2.71
CA ARG E 437 -33.50 -11.11 -3.23
C ARG E 437 -35.02 -11.11 -3.37
N SER E 438 -35.67 -12.19 -2.95
CA SER E 438 -37.13 -12.26 -3.00
C SER E 438 -37.79 -11.61 -1.77
N VAL E 439 -36.96 -11.24 -0.79
CA VAL E 439 -37.45 -10.45 0.34
C VAL E 439 -36.78 -9.08 0.30
N PRO E 440 -37.44 -8.05 0.87
CA PRO E 440 -36.90 -6.70 0.67
C PRO E 440 -35.53 -6.46 1.32
N ILE E 441 -35.21 -7.14 2.43
CA ILE E 441 -33.90 -6.92 3.05
C ILE E 441 -32.82 -7.51 2.14
N GLY E 442 -33.02 -8.73 1.67
CA GLY E 442 -32.18 -9.33 0.63
C GLY E 442 -31.77 -8.32 -0.43
N ARG E 443 -32.74 -7.58 -0.97
CA ARG E 443 -32.47 -6.62 -2.02
C ARG E 443 -31.61 -5.45 -1.54
N ALA E 444 -31.50 -5.32 -0.22
CA ALA E 444 -30.69 -4.26 0.36
C ALA E 444 -29.20 -4.63 0.46
N LEU E 445 -28.88 -5.91 0.27
CA LEU E 445 -27.52 -6.39 0.51
C LEU E 445 -26.63 -6.24 -0.71
N ASP E 446 -25.36 -5.89 -0.50
CA ASP E 446 -24.38 -5.95 -1.58
C ASP E 446 -23.85 -7.37 -1.69
N LEU E 447 -24.24 -8.05 -2.77
CA LEU E 447 -23.95 -9.45 -2.98
C LEU E 447 -23.13 -9.64 -4.27
N PRO E 448 -22.07 -10.46 -4.19
CA PRO E 448 -21.12 -10.70 -5.28
C PRO E 448 -21.72 -11.47 -6.45
N GLU E 449 -21.50 -11.03 -7.69
CA GLU E 449 -21.93 -11.85 -8.82
C GLU E 449 -21.02 -13.06 -8.97
N TYR E 450 -21.55 -14.12 -9.58
CA TYR E 450 -20.80 -15.34 -9.81
C TYR E 450 -19.44 -15.06 -10.45
N SER E 451 -19.51 -14.48 -11.64
CA SER E 451 -18.37 -14.05 -12.44
C SER E 451 -17.27 -13.41 -11.61
N THR E 452 -17.68 -12.60 -10.65
CA THR E 452 -16.72 -11.87 -9.83
C THR E 452 -15.98 -12.82 -8.92
N LEU E 453 -16.75 -13.74 -8.36
CA LEU E 453 -16.22 -14.68 -7.39
C LEU E 453 -15.24 -15.62 -8.11
N TYR E 454 -15.67 -16.18 -9.24
CA TYR E 454 -14.87 -17.11 -10.05
C TYR E 454 -13.55 -16.48 -10.44
N ARG E 455 -13.60 -15.27 -10.96
CA ARG E 455 -12.40 -14.59 -11.40
C ARG E 455 -11.41 -14.39 -10.26
N ARG E 456 -11.95 -13.98 -9.12
CA ARG E 456 -11.12 -13.69 -7.94
C ARG E 456 -10.55 -14.99 -7.41
N TRP E 457 -11.32 -16.06 -7.52
CA TRP E 457 -10.86 -17.38 -7.12
C TRP E 457 -9.66 -17.77 -7.97
N LEU E 458 -9.83 -17.69 -9.29
CA LEU E 458 -8.74 -17.97 -10.22
C LEU E 458 -7.54 -17.10 -9.90
N ASP E 459 -7.77 -15.81 -9.70
CA ASP E 459 -6.66 -14.90 -9.44
C ASP E 459 -5.90 -15.20 -8.15
N SER E 460 -6.57 -15.77 -7.15
CA SER E 460 -5.86 -16.01 -5.90
C SER E 460 -4.82 -17.14 -6.01
N PHE E 461 -4.81 -17.89 -7.11
CA PHE E 461 -3.79 -18.93 -7.23
C PHE E 461 -2.42 -18.41 -7.66
N GLY E 462 -2.33 -17.12 -7.96
CA GLY E 462 -1.07 -16.56 -8.48
C GLY E 462 -0.59 -15.29 -7.80
ZN ZN I . 5.89 37.51 -38.54
C1 GOL J . 20.37 42.31 -13.32
O1 GOL J . 19.52 42.63 -14.40
C2 GOL J . 20.86 40.88 -13.49
O2 GOL J . 21.40 40.71 -14.80
C3 GOL J . 19.64 39.98 -13.28
O3 GOL J . 19.83 38.70 -13.84
C1 GOL K . 21.54 31.92 -9.07
O1 GOL K . 20.31 32.51 -8.69
C2 GOL K . 22.25 32.80 -10.10
O2 GOL K . 21.44 32.94 -11.24
C3 GOL K . 23.52 32.09 -10.52
O3 GOL K . 23.19 30.76 -10.90
C1 GOL L . 41.79 28.58 -18.05
O1 GOL L . 41.45 28.29 -16.72
C2 GOL L . 42.05 27.24 -18.71
O2 GOL L . 41.20 26.32 -18.06
C3 GOL L . 41.70 27.26 -20.19
O3 GOL L . 42.00 25.99 -20.76
ZN ZN M . -9.60 -35.05 40.08
C1 GOL N . -22.13 -38.80 14.04
O1 GOL N . -21.27 -39.14 12.97
C2 GOL N . -22.48 -40.04 14.86
O2 GOL N . -23.81 -40.41 14.55
C3 GOL N . -21.58 -41.19 14.43
O3 GOL N . -20.25 -40.72 14.47
C1 GOL O . -5.80 2.53 22.74
O1 GOL O . -7.09 2.35 22.20
C2 GOL O . -5.57 1.55 23.89
O2 GOL O . -5.79 0.22 23.49
C3 GOL O . -4.22 1.71 24.58
O3 GOL O . -3.11 1.56 23.72
#